data_8ASH
# 
_entry.id   8ASH 
# 
_audit_conform.dict_name       mmcif_pdbx.dic 
_audit_conform.dict_version    5.384 
_audit_conform.dict_location   http://mmcif.pdb.org/dictionaries/ascii/mmcif_pdbx.dic 
# 
loop_
_database_2.database_id 
_database_2.database_code 
_database_2.pdbx_database_accession 
_database_2.pdbx_DOI 
PDB   8ASH         pdb_00008ash 10.2210/pdb8ash/pdb 
WWPDB D_1292125049 ?            ?                   
# 
loop_
_pdbx_audit_revision_history.ordinal 
_pdbx_audit_revision_history.data_content_type 
_pdbx_audit_revision_history.major_revision 
_pdbx_audit_revision_history.minor_revision 
_pdbx_audit_revision_history.revision_date 
1 'Structure model' 1 0 2023-01-18 
2 'Structure model' 1 1 2024-01-31 
# 
_pdbx_audit_revision_details.ordinal             1 
_pdbx_audit_revision_details.revision_ordinal    1 
_pdbx_audit_revision_details.data_content_type   'Structure model' 
_pdbx_audit_revision_details.provider            repository 
_pdbx_audit_revision_details.type                'Initial release' 
_pdbx_audit_revision_details.description         ? 
_pdbx_audit_revision_details.details             ? 
# 
loop_
_pdbx_audit_revision_group.ordinal 
_pdbx_audit_revision_group.revision_ordinal 
_pdbx_audit_revision_group.data_content_type 
_pdbx_audit_revision_group.group 
1 2 'Structure model' 'Data collection'        
2 2 'Structure model' 'Refinement description' 
# 
loop_
_pdbx_audit_revision_category.ordinal 
_pdbx_audit_revision_category.revision_ordinal 
_pdbx_audit_revision_category.data_content_type 
_pdbx_audit_revision_category.category 
1 2 'Structure model' chem_comp_atom                
2 2 'Structure model' chem_comp_bond                
3 2 'Structure model' pdbx_initial_refinement_model 
# 
_pdbx_database_status.status_code                     REL 
_pdbx_database_status.status_code_sf                  REL 
_pdbx_database_status.status_code_mr                  ? 
_pdbx_database_status.entry_id                        8ASH 
_pdbx_database_status.recvd_initial_deposition_date   2022-08-19 
_pdbx_database_status.SG_entry                        N 
_pdbx_database_status.deposit_site                    PDBE 
_pdbx_database_status.process_site                    PDBE 
_pdbx_database_status.status_code_cs                  ? 
_pdbx_database_status.status_code_nmr_data            ? 
_pdbx_database_status.methods_development_category    ? 
_pdbx_database_status.pdb_format_compatible           N 
# 
_pdbx_contact_author.id                 2 
_pdbx_contact_author.email              sbirkova@mail.bg 
_pdbx_contact_author.name_first         Hristina 
_pdbx_contact_author.name_last          Sbirkova-Dimitrova 
_pdbx_contact_author.name_mi            ? 
_pdbx_contact_author.role               'principal investigator/group leader' 
_pdbx_contact_author.identifier_ORCID   0000-0002-0296-7229 
# 
loop_
_audit_author.name 
_audit_author.pdbx_ordinal 
_audit_author.identifier_ORCID 
'Sbirkova-Dimitrova, H.I.' 1 0000-0002-0296-7229 
'Shivachev, B.L.'          2 0000-0001-8765-6536 
'Rusev, R.'                3 0000-0003-1274-0885 
'Kuvandjiev, N.'           4 0000-0002-3987-2506 
'Heroux, A.'               5 0000-0001-5713-0525 
'Doukov, T.'               6 0000-0001-8625-2572 
# 
_citation.abstract                  ? 
_citation.abstract_id_CAS           ? 
_citation.book_id_ISBN              ? 
_citation.book_publisher            ? 
_citation.book_publisher_city       ? 
_citation.book_title                ? 
_citation.coordinate_linkage        ? 
_citation.country                   CH 
_citation.database_id_Medline       ? 
_citation.details                   ? 
_citation.id                        primary 
_citation.journal_abbrev            Crystals 
_citation.journal_id_ASTM           ? 
_citation.journal_id_CSD            ? 
_citation.journal_id_ISSN           2073-4352 
_citation.journal_full              ? 
_citation.journal_issue             ? 
_citation.journal_volume            12 
_citation.language                  ? 
_citation.page_first                ? 
_citation.page_last                 ? 
_citation.title                     
;Structural Characterization of Alzheimer DNA Promoter Sequences from the Amyloid Precursor Gene in the Presence of Thioflavin T and Analogs
;
_citation.year                      2022 
_citation.database_id_CSD           ? 
_citation.pdbx_database_id_DOI      10.3390/cryst12121717 
_citation.pdbx_database_id_PubMed   ? 
_citation.pdbx_database_id_patent   ? 
_citation.unpublished_flag          ? 
# 
loop_
_citation_author.citation_id 
_citation_author.name 
_citation_author.ordinal 
_citation_author.identifier_ORCID 
primary 'Sbirkova-Dimitrova, H.' 1 ? 
primary 'Rusew, R.'              2 ? 
primary 'Kuvandjiev, N.'         3 ? 
primary 'Heroux, A.'             4 ? 
primary 'Doukov, T.'             5 ? 
primary 'Shivachev, B.L.'        6 ? 
# 
loop_
_entity.id 
_entity.type 
_entity.src_method 
_entity.pdbx_description 
_entity.formula_weight 
_entity.pdbx_number_of_molecules 
_entity.pdbx_ec 
_entity.pdbx_mutation 
_entity.pdbx_fragment 
_entity.details 
1 polymer     man 
;DNA (5'-D(*CP*CP*GP*GP*GP*GP*TP*AP*CP*CP*CP*CP*GP*G)-3')
;
4282.768 2 ? ? ? ? 
2 non-polymer syn '4-[(~{E})-(3,6-dimethyl-1,3-benzothiazol-2-yl)iminomethyl]-~{N},~{N}-dimethyl-aniline' 310.437  1 ? ? ? ? 
# 
_entity_poly.entity_id                      1 
_entity_poly.type                           polydeoxyribonucleotide 
_entity_poly.nstd_linkage                   no 
_entity_poly.nstd_monomer                   no 
_entity_poly.pdbx_seq_one_letter_code       '(DC)(DC)(DG)(DG)(DG)(DG)(DT)(DA)(DC)(DC)(DC)(DC)(DG)(DG)' 
_entity_poly.pdbx_seq_one_letter_code_can   CCGGGGTACCCCGG 
_entity_poly.pdbx_strand_id                 AAA,BBB 
_entity_poly.pdbx_target_identifier         ? 
# 
_pdbx_entity_nonpoly.entity_id   2 
_pdbx_entity_nonpoly.name        '4-[(~{E})-(3,6-dimethyl-1,3-benzothiazol-2-yl)iminomethyl]-~{N},~{N}-dimethyl-aniline' 
_pdbx_entity_nonpoly.comp_id     O89 
# 
loop_
_entity_poly_seq.entity_id 
_entity_poly_seq.num 
_entity_poly_seq.mon_id 
_entity_poly_seq.hetero 
1 1  DC n 
1 2  DC n 
1 3  DG n 
1 4  DG n 
1 5  DG n 
1 6  DG n 
1 7  DT n 
1 8  DA n 
1 9  DC n 
1 10 DC n 
1 11 DC n 
1 12 DC n 
1 13 DG n 
1 14 DG n 
# 
_entity_src_gen.entity_id                          1 
_entity_src_gen.pdbx_src_id                        1 
_entity_src_gen.pdbx_alt_source_flag               sample 
_entity_src_gen.pdbx_seq_type                      'Biological sequence' 
_entity_src_gen.pdbx_beg_seq_num                   1 
_entity_src_gen.pdbx_end_seq_num                   14 
_entity_src_gen.gene_src_common_name               ? 
_entity_src_gen.gene_src_genus                     ? 
_entity_src_gen.pdbx_gene_src_gene                 ? 
_entity_src_gen.gene_src_species                   ? 
_entity_src_gen.gene_src_strain                    ? 
_entity_src_gen.gene_src_tissue                    ? 
_entity_src_gen.gene_src_tissue_fraction           ? 
_entity_src_gen.gene_src_details                   ? 
_entity_src_gen.pdbx_gene_src_fragment             ? 
_entity_src_gen.pdbx_gene_src_scientific_name      'DNA molecule' 
_entity_src_gen.pdbx_gene_src_ncbi_taxonomy_id     2853804 
_entity_src_gen.pdbx_gene_src_variant              ? 
_entity_src_gen.pdbx_gene_src_cell_line            ? 
_entity_src_gen.pdbx_gene_src_atcc                 ? 
_entity_src_gen.pdbx_gene_src_organ                ? 
_entity_src_gen.pdbx_gene_src_organelle            ? 
_entity_src_gen.pdbx_gene_src_cell                 ? 
_entity_src_gen.pdbx_gene_src_cellular_location    ? 
_entity_src_gen.host_org_common_name               ? 
_entity_src_gen.pdbx_host_org_scientific_name      Synthesium 
_entity_src_gen.pdbx_host_org_ncbi_taxonomy_id     638370 
_entity_src_gen.host_org_genus                     ? 
_entity_src_gen.pdbx_host_org_gene                 ? 
_entity_src_gen.pdbx_host_org_organ                ? 
_entity_src_gen.host_org_species                   ? 
_entity_src_gen.pdbx_host_org_tissue               ? 
_entity_src_gen.pdbx_host_org_tissue_fraction      ? 
_entity_src_gen.pdbx_host_org_strain               ? 
_entity_src_gen.pdbx_host_org_variant              ? 
_entity_src_gen.pdbx_host_org_cell_line            ? 
_entity_src_gen.pdbx_host_org_atcc                 ? 
_entity_src_gen.pdbx_host_org_culture_collection   ? 
_entity_src_gen.pdbx_host_org_cell                 ? 
_entity_src_gen.pdbx_host_org_organelle            ? 
_entity_src_gen.pdbx_host_org_cellular_location    ? 
_entity_src_gen.pdbx_host_org_vector_type          ? 
_entity_src_gen.pdbx_host_org_vector               ? 
_entity_src_gen.host_org_details                   ? 
_entity_src_gen.expression_system_id               ? 
_entity_src_gen.plasmid_name                       ? 
_entity_src_gen.plasmid_details                    ? 
_entity_src_gen.pdbx_description                   ? 
# 
loop_
_chem_comp.id 
_chem_comp.type 
_chem_comp.mon_nstd_flag 
_chem_comp.name 
_chem_comp.pdbx_synonyms 
_chem_comp.formula 
_chem_comp.formula_weight 
DA  'DNA linking' y "2'-DEOXYADENOSINE-5'-MONOPHOSPHATE"                                                    ? 'C10 H14 N5 O6 P' 
331.222 
DC  'DNA linking' y "2'-DEOXYCYTIDINE-5'-MONOPHOSPHATE"                                                     ? 'C9 H14 N3 O7 P'  
307.197 
DG  'DNA linking' y "2'-DEOXYGUANOSINE-5'-MONOPHOSPHATE"                                                    ? 'C10 H14 N5 O7 P' 
347.221 
DT  'DNA linking' y "THYMIDINE-5'-MONOPHOSPHATE"                                                            ? 'C10 H15 N2 O8 P' 
322.208 
O89 non-polymer   . '4-[(~{E})-(3,6-dimethyl-1,3-benzothiazol-2-yl)iminomethyl]-~{N},~{N}-dimethyl-aniline' ? 'C18 H20 N3 S 1'  
310.437 
# 
loop_
_pdbx_poly_seq_scheme.asym_id 
_pdbx_poly_seq_scheme.entity_id 
_pdbx_poly_seq_scheme.seq_id 
_pdbx_poly_seq_scheme.mon_id 
_pdbx_poly_seq_scheme.ndb_seq_num 
_pdbx_poly_seq_scheme.pdb_seq_num 
_pdbx_poly_seq_scheme.auth_seq_num 
_pdbx_poly_seq_scheme.pdb_mon_id 
_pdbx_poly_seq_scheme.auth_mon_id 
_pdbx_poly_seq_scheme.pdb_strand_id 
_pdbx_poly_seq_scheme.pdb_ins_code 
_pdbx_poly_seq_scheme.hetero 
A 1 1  DC 1  1  1  DC DC AAA . n 
A 1 2  DC 2  2  2  DC DC AAA . n 
A 1 3  DG 3  3  3  DG DG AAA . n 
A 1 4  DG 4  4  4  DG DG AAA . n 
A 1 5  DG 5  5  5  DG DG AAA . n 
A 1 6  DG 6  6  6  DG DG AAA . n 
A 1 7  DT 7  7  7  DT DT AAA . n 
A 1 8  DA 8  8  8  DA DA AAA . n 
A 1 9  DC 9  9  9  DC DC AAA . n 
A 1 10 DC 10 10 10 DC DC AAA . n 
A 1 11 DC 11 11 11 DC DC AAA . n 
A 1 12 DC 12 12 12 DC DC AAA . n 
A 1 13 DG 13 13 13 DG DG AAA . n 
A 1 14 DG 14 14 14 DG DG AAA . n 
B 1 1  DC 1  1  1  DC DC BBB . n 
B 1 2  DC 2  2  2  DC DC BBB . n 
B 1 3  DG 3  3  3  DG DG BBB . n 
B 1 4  DG 4  4  4  DG DG BBB . n 
B 1 5  DG 5  5  5  DG DG BBB . n 
B 1 6  DG 6  6  6  DG DG BBB . n 
B 1 7  DT 7  7  7  DT DT BBB . n 
B 1 8  DA 8  8  8  DA DA BBB . n 
B 1 9  DC 9  9  9  DC DC BBB . n 
B 1 10 DC 10 10 10 DC DC BBB . n 
B 1 11 DC 11 11 11 DC DC BBB . n 
B 1 12 DC 12 12 12 DC DC BBB . n 
B 1 13 DG 13 13 13 DG DG BBB . n 
B 1 14 DG 14 14 14 DG DG BBB . n 
# 
_pdbx_nonpoly_scheme.asym_id         C 
_pdbx_nonpoly_scheme.entity_id       2 
_pdbx_nonpoly_scheme.mon_id          O89 
_pdbx_nonpoly_scheme.ndb_seq_num     1 
_pdbx_nonpoly_scheme.pdb_seq_num     101 
_pdbx_nonpoly_scheme.auth_seq_num    102 
_pdbx_nonpoly_scheme.pdb_mon_id      O89 
_pdbx_nonpoly_scheme.auth_mon_id     XRB 
_pdbx_nonpoly_scheme.pdb_strand_id   AAA 
_pdbx_nonpoly_scheme.pdb_ins_code    . 
# 
loop_
_software.citation_id 
_software.classification 
_software.compiler_name 
_software.compiler_version 
_software.contact_author 
_software.contact_author_email 
_software.date 
_software.description 
_software.dependencies 
_software.hardware 
_software.language 
_software.location 
_software.mods 
_software.name 
_software.os 
_software.os_version 
_software.type 
_software.version 
_software.pdbx_ordinal 
? refinement       ? ? ? ? ? ? ? ? ? ? ? REFMAC ? ? ? 5.8.0253 1 
? 'data reduction' ? ? ? ? ? ? ? ? ? ? ? XDS    ? ? ? .        2 
? 'data scaling'   ? ? ? ? ? ? ? ? ? ? ? XSCALE ? ? ? .        3 
? phasing          ? ? ? ? ? ? ? ? ? ? ? PHASER ? ? ? .        4 
# 
_cell.angle_alpha                  90.000 
_cell.angle_alpha_esd              ? 
_cell.angle_beta                   90.000 
_cell.angle_beta_esd               ? 
_cell.angle_gamma                  90.000 
_cell.angle_gamma_esd              ? 
_cell.entry_id                     8ASH 
_cell.details                      ? 
_cell.formula_units_Z              ? 
_cell.length_a                     41.760 
_cell.length_a_esd                 ? 
_cell.length_b                     41.760 
_cell.length_b_esd                 ? 
_cell.length_c                     88.960 
_cell.length_c_esd                 ? 
_cell.volume                       ? 
_cell.volume_esd                   ? 
_cell.Z_PDB                        16 
_cell.reciprocal_angle_alpha       ? 
_cell.reciprocal_angle_beta        ? 
_cell.reciprocal_angle_gamma       ? 
_cell.reciprocal_angle_alpha_esd   ? 
_cell.reciprocal_angle_beta_esd    ? 
_cell.reciprocal_angle_gamma_esd   ? 
_cell.reciprocal_length_a          ? 
_cell.reciprocal_length_b          ? 
_cell.reciprocal_length_c          ? 
_cell.reciprocal_length_a_esd      ? 
_cell.reciprocal_length_b_esd      ? 
_cell.reciprocal_length_c_esd      ? 
_cell.pdbx_unique_axis             ? 
_cell.pdbx_esd_method              ? 
# 
_symmetry.entry_id                         8ASH 
_symmetry.cell_setting                     ? 
_symmetry.Int_Tables_number                92 
_symmetry.space_group_name_Hall            ? 
_symmetry.space_group_name_H-M             'P 41 21 2' 
_symmetry.pdbx_full_space_group_name_H-M   ? 
# 
_exptl.absorpt_coefficient_mu     ? 
_exptl.absorpt_correction_T_max   ? 
_exptl.absorpt_correction_T_min   ? 
_exptl.absorpt_correction_type    ? 
_exptl.absorpt_process_details    ? 
_exptl.entry_id                   8ASH 
_exptl.crystals_number            1 
_exptl.details                    ? 
_exptl.method                     'X-RAY DIFFRACTION' 
_exptl.method_details             ? 
# 
_exptl_crystal.colour                       ? 
_exptl_crystal.density_diffrn               ? 
_exptl_crystal.density_Matthews             2.26 
_exptl_crystal.density_method               ? 
_exptl_crystal.density_percent_sol          45.67 
_exptl_crystal.description                  ? 
_exptl_crystal.F_000                        ? 
_exptl_crystal.id                           1 
_exptl_crystal.preparation                  ? 
_exptl_crystal.size_max                     ? 
_exptl_crystal.size_mid                     ? 
_exptl_crystal.size_min                     ? 
_exptl_crystal.size_rad                     ? 
_exptl_crystal.colour_lustre                ? 
_exptl_crystal.colour_modifier              ? 
_exptl_crystal.colour_primary               ? 
_exptl_crystal.density_meas                 ? 
_exptl_crystal.density_meas_esd             ? 
_exptl_crystal.density_meas_gt              ? 
_exptl_crystal.density_meas_lt              ? 
_exptl_crystal.density_meas_temp            ? 
_exptl_crystal.density_meas_temp_esd        ? 
_exptl_crystal.density_meas_temp_gt         ? 
_exptl_crystal.density_meas_temp_lt         ? 
_exptl_crystal.pdbx_crystal_image_url       ? 
_exptl_crystal.pdbx_crystal_image_format    ? 
_exptl_crystal.pdbx_mosaicity               ? 
_exptl_crystal.pdbx_mosaicity_esd           ? 
_exptl_crystal.pdbx_mosaic_method           ? 
_exptl_crystal.pdbx_mosaic_block_size       ? 
_exptl_crystal.pdbx_mosaic_block_size_esd   ? 
# 
_exptl_crystal_grow.apparatus       ? 
_exptl_crystal_grow.atmosphere      ? 
_exptl_crystal_grow.crystal_id      1 
_exptl_crystal_grow.details         ? 
_exptl_crystal_grow.method          'VAPOR DIFFUSION, HANGING DROP' 
_exptl_crystal_grow.method_ref      ? 
_exptl_crystal_grow.pH              ? 
_exptl_crystal_grow.pressure        ? 
_exptl_crystal_grow.pressure_esd    ? 
_exptl_crystal_grow.seeding         ? 
_exptl_crystal_grow.seeding_ref     ? 
_exptl_crystal_grow.temp            294 
_exptl_crystal_grow.temp_details    ? 
_exptl_crystal_grow.temp_esd        ? 
_exptl_crystal_grow.time            ? 
_exptl_crystal_grow.pdbx_details    '8%MPD, 1mM BaCl2, 5mM Spermine' 
_exptl_crystal_grow.pdbx_pH_range   ? 
# 
_diffrn.ambient_environment              ? 
_diffrn.ambient_temp                     270 
_diffrn.ambient_temp_details             ? 
_diffrn.ambient_temp_esd                 ? 
_diffrn.crystal_id                       1 
_diffrn.crystal_support                  ? 
_diffrn.crystal_treatment                ? 
_diffrn.details                          ? 
_diffrn.id                               1 
_diffrn.ambient_pressure                 ? 
_diffrn.ambient_pressure_esd             ? 
_diffrn.ambient_pressure_gt              ? 
_diffrn.ambient_pressure_lt              ? 
_diffrn.ambient_temp_gt                  ? 
_diffrn.ambient_temp_lt                  ? 
_diffrn.pdbx_serial_crystal_experiment   N 
# 
_diffrn_detector.details                      ? 
_diffrn_detector.detector                     PIXEL 
_diffrn_detector.diffrn_id                    1 
_diffrn_detector.type                         'DECTRIS PILATUS 2M' 
_diffrn_detector.area_resol_mean              ? 
_diffrn_detector.dtime                        ? 
_diffrn_detector.pdbx_frames_total            ? 
_diffrn_detector.pdbx_collection_time_total   ? 
_diffrn_detector.pdbx_collection_date         2022-08-03 
_diffrn_detector.pdbx_frequency               ? 
# 
_diffrn_radiation.collimation                      ? 
_diffrn_radiation.diffrn_id                        1 
_diffrn_radiation.filter_edge                      ? 
_diffrn_radiation.inhomogeneity                    ? 
_diffrn_radiation.monochromator                    ? 
_diffrn_radiation.polarisn_norm                    ? 
_diffrn_radiation.polarisn_ratio                   ? 
_diffrn_radiation.probe                            ? 
_diffrn_radiation.type                             ? 
_diffrn_radiation.xray_symbol                      ? 
_diffrn_radiation.wavelength_id                    1 
_diffrn_radiation.pdbx_monochromatic_or_laue_m_l   ? 
_diffrn_radiation.pdbx_wavelength_list             ? 
_diffrn_radiation.pdbx_wavelength                  ? 
_diffrn_radiation.pdbx_diffrn_protocol             'SINGLE WAVELENGTH' 
_diffrn_radiation.pdbx_analyzer                    ? 
_diffrn_radiation.pdbx_scattering_type             x-ray 
# 
_diffrn_radiation_wavelength.id           1 
_diffrn_radiation_wavelength.wavelength   2.00 
_diffrn_radiation_wavelength.wt           1.0 
# 
_diffrn_source.current                     ? 
_diffrn_source.details                     ? 
_diffrn_source.diffrn_id                   1 
_diffrn_source.power                       ? 
_diffrn_source.size                        ? 
_diffrn_source.source                      SYNCHROTRON 
_diffrn_source.target                      ? 
_diffrn_source.type                        'ELETTRA BEAMLINE 5.2R' 
_diffrn_source.voltage                     ? 
_diffrn_source.take-off_angle              ? 
_diffrn_source.pdbx_wavelength_list        2.00 
_diffrn_source.pdbx_wavelength             ? 
_diffrn_source.pdbx_synchrotron_beamline   5.2R 
_diffrn_source.pdbx_synchrotron_site       ELETTRA 
# 
_reflns.B_iso_Wilson_estimate                          ? 
_reflns.entry_id                                       8ASH 
_reflns.data_reduction_details                         ? 
_reflns.data_reduction_method                          ? 
_reflns.d_resolution_high                              1.837 
_reflns.d_resolution_low                               37.8 
_reflns.details                                        ? 
_reflns.limit_h_max                                    ? 
_reflns.limit_h_min                                    ? 
_reflns.limit_k_max                                    ? 
_reflns.limit_k_min                                    ? 
_reflns.limit_l_max                                    ? 
_reflns.limit_l_min                                    ? 
_reflns.number_all                                     ? 
_reflns.number_obs                                     7419 
_reflns.observed_criterion                             ? 
_reflns.observed_criterion_F_max                       ? 
_reflns.observed_criterion_F_min                       ? 
_reflns.observed_criterion_I_max                       ? 
_reflns.observed_criterion_I_min                       ? 
_reflns.observed_criterion_sigma_F                     ? 
_reflns.observed_criterion_sigma_I                     ? 
_reflns.percent_possible_obs                           98.83 
_reflns.R_free_details                                 ? 
_reflns.Rmerge_F_all                                   ? 
_reflns.Rmerge_F_obs                                   ? 
_reflns.Friedel_coverage                               ? 
_reflns.number_gt                                      ? 
_reflns.threshold_expression                           ? 
_reflns.pdbx_redundancy                                10.4 
_reflns.pdbx_Rmerge_I_obs                              0.114 
_reflns.pdbx_Rmerge_I_all                              ? 
_reflns.pdbx_Rsym_value                                ? 
_reflns.pdbx_netI_over_av_sigmaI                       ? 
_reflns.pdbx_netI_over_sigmaI                          50.8 
_reflns.pdbx_res_netI_over_av_sigmaI_2                 ? 
_reflns.pdbx_res_netI_over_sigmaI_2                    ? 
_reflns.pdbx_chi_squared                               ? 
_reflns.pdbx_scaling_rejects                           ? 
_reflns.pdbx_d_res_high_opt                            ? 
_reflns.pdbx_d_res_low_opt                             ? 
_reflns.pdbx_d_res_opt_method                          ? 
_reflns.phase_calculation_details                      ? 
_reflns.pdbx_Rrim_I_all                                0.12 
_reflns.pdbx_Rpim_I_all                                0.038 
_reflns.pdbx_d_opt                                     ? 
_reflns.pdbx_number_measured_all                       ? 
_reflns.pdbx_diffrn_id                                 1 
_reflns.pdbx_ordinal                                   1 
_reflns.pdbx_CC_half                                   0.996 
_reflns.pdbx_CC_star                                   ? 
_reflns.pdbx_R_split                                   ? 
_reflns.pdbx_aniso_diffraction_limit_axis_1_ortho[1]   ? 
_reflns.pdbx_aniso_diffraction_limit_axis_1_ortho[2]   ? 
_reflns.pdbx_aniso_diffraction_limit_axis_1_ortho[3]   ? 
_reflns.pdbx_aniso_diffraction_limit_axis_2_ortho[1]   ? 
_reflns.pdbx_aniso_diffraction_limit_axis_2_ortho[2]   ? 
_reflns.pdbx_aniso_diffraction_limit_axis_2_ortho[3]   ? 
_reflns.pdbx_aniso_diffraction_limit_axis_3_ortho[1]   ? 
_reflns.pdbx_aniso_diffraction_limit_axis_3_ortho[2]   ? 
_reflns.pdbx_aniso_diffraction_limit_axis_3_ortho[3]   ? 
_reflns.pdbx_aniso_diffraction_limit_1                 ? 
_reflns.pdbx_aniso_diffraction_limit_2                 ? 
_reflns.pdbx_aniso_diffraction_limit_3                 ? 
_reflns.pdbx_aniso_B_tensor_eigenvector_1_ortho[1]     ? 
_reflns.pdbx_aniso_B_tensor_eigenvector_1_ortho[2]     ? 
_reflns.pdbx_aniso_B_tensor_eigenvector_1_ortho[3]     ? 
_reflns.pdbx_aniso_B_tensor_eigenvector_2_ortho[1]     ? 
_reflns.pdbx_aniso_B_tensor_eigenvector_2_ortho[2]     ? 
_reflns.pdbx_aniso_B_tensor_eigenvector_2_ortho[3]     ? 
_reflns.pdbx_aniso_B_tensor_eigenvector_3_ortho[1]     ? 
_reflns.pdbx_aniso_B_tensor_eigenvector_3_ortho[2]     ? 
_reflns.pdbx_aniso_B_tensor_eigenvector_3_ortho[3]     ? 
_reflns.pdbx_aniso_B_tensor_eigenvalue_1               ? 
_reflns.pdbx_aniso_B_tensor_eigenvalue_2               ? 
_reflns.pdbx_aniso_B_tensor_eigenvalue_3               ? 
_reflns.pdbx_orthogonalization_convention              ? 
_reflns.pdbx_percent_possible_ellipsoidal              ? 
_reflns.pdbx_percent_possible_spherical                ? 
_reflns.pdbx_percent_possible_ellipsoidal_anomalous    ? 
_reflns.pdbx_percent_possible_spherical_anomalous      ? 
_reflns.pdbx_redundancy_anomalous                      ? 
_reflns.pdbx_CC_half_anomalous                         ? 
_reflns.pdbx_absDiff_over_sigma_anomalous              ? 
_reflns.pdbx_percent_possible_anomalous                ? 
_reflns.pdbx_observed_signal_threshold                 ? 
_reflns.pdbx_signal_type                               ? 
_reflns.pdbx_signal_details                            ? 
_reflns.pdbx_signal_software_id                        ? 
_reflns.pdbx_CC_split_method                           ? 
# 
_reflns_shell.d_res_high                                    1.837 
_reflns_shell.d_res_low                                     1.885 
_reflns_shell.meanI_over_sigI_all                           ? 
_reflns_shell.meanI_over_sigI_obs                           ? 
_reflns_shell.number_measured_all                           ? 
_reflns_shell.number_measured_obs                           ? 
_reflns_shell.number_possible                               ? 
_reflns_shell.number_unique_all                             ? 
_reflns_shell.number_unique_obs                             453 
_reflns_shell.percent_possible_all                          90.94 
_reflns_shell.percent_possible_obs                          ? 
_reflns_shell.Rmerge_F_all                                  ? 
_reflns_shell.Rmerge_F_obs                                  ? 
_reflns_shell.Rmerge_I_all                                  ? 
_reflns_shell.Rmerge_I_obs                                  ? 
_reflns_shell.meanI_over_sigI_gt                            ? 
_reflns_shell.meanI_over_uI_all                             ? 
_reflns_shell.meanI_over_uI_gt                              ? 
_reflns_shell.number_measured_gt                            ? 
_reflns_shell.number_unique_gt                              ? 
_reflns_shell.percent_possible_gt                           ? 
_reflns_shell.Rmerge_F_gt                                   ? 
_reflns_shell.Rmerge_I_gt                                   ? 
_reflns_shell.pdbx_redundancy                               ? 
_reflns_shell.pdbx_Rsym_value                               ? 
_reflns_shell.pdbx_chi_squared                              ? 
_reflns_shell.pdbx_netI_over_sigmaI_all                     ? 
_reflns_shell.pdbx_netI_over_sigmaI_obs                     ? 
_reflns_shell.pdbx_Rrim_I_all                               ? 
_reflns_shell.pdbx_Rpim_I_all                               ? 
_reflns_shell.pdbx_rejects                                  ? 
_reflns_shell.pdbx_ordinal                                  1 
_reflns_shell.pdbx_diffrn_id                                1 
_reflns_shell.pdbx_CC_half                                  0.716 
_reflns_shell.pdbx_CC_star                                  ? 
_reflns_shell.pdbx_R_split                                  ? 
_reflns_shell.pdbx_percent_possible_ellipsoidal             ? 
_reflns_shell.pdbx_percent_possible_spherical               ? 
_reflns_shell.pdbx_percent_possible_ellipsoidal_anomalous   ? 
_reflns_shell.pdbx_percent_possible_spherical_anomalous     ? 
_reflns_shell.pdbx_redundancy_anomalous                     ? 
_reflns_shell.pdbx_CC_half_anomalous                        ? 
_reflns_shell.pdbx_absDiff_over_sigma_anomalous             ? 
_reflns_shell.pdbx_percent_possible_anomalous               ? 
# 
_refine.aniso_B[1][1]                            0.012 
_refine.aniso_B[1][2]                            -0.000 
_refine.aniso_B[1][3]                            -0.000 
_refine.aniso_B[2][2]                            0.012 
_refine.aniso_B[2][3]                            -0.000 
_refine.aniso_B[3][3]                            -0.024 
_refine.B_iso_max                                ? 
_refine.B_iso_mean                               43.764 
_refine.B_iso_min                                ? 
_refine.correlation_coeff_Fo_to_Fc               0.968 
_refine.correlation_coeff_Fo_to_Fc_free          0.929 
_refine.details                                  'Hydrogens have been added in their riding positions' 
_refine.diff_density_max                         ? 
_refine.diff_density_max_esd                     ? 
_refine.diff_density_min                         ? 
_refine.diff_density_min_esd                     ? 
_refine.diff_density_rms                         ? 
_refine.diff_density_rms_esd                     ? 
_refine.entry_id                                 8ASH 
_refine.pdbx_refine_id                           'X-RAY DIFFRACTION' 
_refine.ls_abs_structure_details                 ? 
_refine.ls_abs_structure_Flack                   ? 
_refine.ls_abs_structure_Flack_esd               ? 
_refine.ls_abs_structure_Rogers                  ? 
_refine.ls_abs_structure_Rogers_esd              ? 
_refine.ls_d_res_high                            1.837 
_refine.ls_d_res_low                             37.8 
_refine.ls_extinction_coef                       ? 
_refine.ls_extinction_coef_esd                   ? 
_refine.ls_extinction_expression                 ? 
_refine.ls_extinction_method                     ? 
_refine.ls_goodness_of_fit_all                   ? 
_refine.ls_goodness_of_fit_all_esd               ? 
_refine.ls_goodness_of_fit_obs                   ? 
_refine.ls_goodness_of_fit_obs_esd               ? 
_refine.ls_hydrogen_treatment                    ? 
_refine.ls_matrix_type                           ? 
_refine.ls_number_constraints                    ? 
_refine.ls_number_parameters                     ? 
_refine.ls_number_reflns_all                     ? 
_refine.ls_number_reflns_obs                     7295 
_refine.ls_number_reflns_R_free                  361 
_refine.ls_number_reflns_R_work                  6934 
_refine.ls_number_restraints                     ? 
_refine.ls_percent_reflns_obs                    98.835 
_refine.ls_percent_reflns_R_free                 4.949 
_refine.ls_R_factor_all                          0.144 
_refine.ls_R_factor_obs                          ? 
_refine.ls_R_factor_R_free                       0.1927 
_refine.ls_R_factor_R_free_error                 ? 
_refine.ls_R_factor_R_free_error_details         ? 
_refine.ls_R_factor_R_work                       0.1415 
_refine.ls_R_Fsqd_factor_obs                     ? 
_refine.ls_R_I_factor_obs                        ? 
_refine.ls_redundancy_reflns_all                 ? 
_refine.ls_redundancy_reflns_obs                 ? 
_refine.ls_restrained_S_all                      ? 
_refine.ls_restrained_S_obs                      ? 
_refine.ls_shift_over_esd_max                    ? 
_refine.ls_shift_over_esd_mean                   ? 
_refine.ls_structure_factor_coef                 ? 
_refine.ls_weighting_details                     ? 
_refine.ls_weighting_scheme                      ? 
_refine.ls_wR_factor_all                         ? 
_refine.ls_wR_factor_obs                         ? 
_refine.ls_wR_factor_R_free                      ? 
_refine.ls_wR_factor_R_work                      ? 
_refine.occupancy_max                            ? 
_refine.occupancy_min                            ? 
_refine.solvent_model_details                    'MASK BULK SOLVENT' 
_refine.solvent_model_param_bsol                 ? 
_refine.solvent_model_param_ksol                 ? 
_refine.pdbx_R_complete                          ? 
_refine.ls_R_factor_gt                           ? 
_refine.ls_goodness_of_fit_gt                    ? 
_refine.ls_goodness_of_fit_ref                   ? 
_refine.ls_shift_over_su_max                     ? 
_refine.ls_shift_over_su_max_lt                  ? 
_refine.ls_shift_over_su_mean                    ? 
_refine.ls_shift_over_su_mean_lt                 ? 
_refine.pdbx_ls_sigma_I                          ? 
_refine.pdbx_ls_sigma_F                          ? 
_refine.pdbx_ls_sigma_Fsqd                       ? 
_refine.pdbx_data_cutoff_high_absF               ? 
_refine.pdbx_data_cutoff_high_rms_absF           ? 
_refine.pdbx_data_cutoff_low_absF                ? 
_refine.pdbx_isotropic_thermal_model             ? 
_refine.pdbx_ls_cross_valid_method               'FREE R-VALUE' 
_refine.pdbx_method_to_determine_struct          'MOLECULAR REPLACEMENT' 
_refine.pdbx_starting_model                      5WV7 
_refine.pdbx_stereochemistry_target_values       ? 
_refine.pdbx_R_Free_selection_details            ? 
_refine.pdbx_stereochem_target_val_spec_case     ? 
_refine.pdbx_overall_ESU_R                       0.095 
_refine.pdbx_overall_ESU_R_Free                  0.105 
_refine.pdbx_solvent_vdw_probe_radii             1.200 
_refine.pdbx_solvent_ion_probe_radii             0.800 
_refine.pdbx_solvent_shrinkage_radii             0.800 
_refine.pdbx_real_space_R                        ? 
_refine.pdbx_density_correlation                 ? 
_refine.pdbx_pd_number_of_powder_patterns        ? 
_refine.pdbx_pd_number_of_points                 ? 
_refine.pdbx_pd_meas_number_of_points            ? 
_refine.pdbx_pd_proc_ls_prof_R_factor            ? 
_refine.pdbx_pd_proc_ls_prof_wR_factor           ? 
_refine.pdbx_pd_Marquardt_correlation_coeff      ? 
_refine.pdbx_pd_Fsqrd_R_factor                   ? 
_refine.pdbx_pd_ls_matrix_band_width             ? 
_refine.pdbx_overall_phase_error                 ? 
_refine.pdbx_overall_SU_R_free_Cruickshank_DPI   ? 
_refine.pdbx_overall_SU_R_free_Blow_DPI          ? 
_refine.pdbx_overall_SU_R_Blow_DPI               ? 
_refine.pdbx_TLS_residual_ADP_flag               ? 
_refine.pdbx_diffrn_id                           1 
_refine.overall_SU_B                             1.111 
_refine.overall_SU_ML                            0.033 
_refine.overall_SU_R_Cruickshank_DPI             ? 
_refine.overall_SU_R_free                        ? 
_refine.overall_FOM_free_R_set                   ? 
_refine.overall_FOM_work_R_set                   ? 
_refine.pdbx_average_fsc_overall                 ? 
_refine.pdbx_average_fsc_work                    ? 
_refine.pdbx_average_fsc_free                    ? 
# 
_refine_hist.pdbx_refine_id                   'X-RAY DIFFRACTION' 
_refine_hist.cycle_id                         LAST 
_refine_hist.pdbx_number_atoms_protein        0 
_refine_hist.pdbx_number_atoms_nucleic_acid   568 
_refine_hist.pdbx_number_atoms_ligand         22 
_refine_hist.number_atoms_solvent             0 
_refine_hist.number_atoms_total               590 
_refine_hist.d_res_high                       1.837 
_refine_hist.d_res_low                        37.8 
# 
loop_
_refine_ls_restr.pdbx_refine_id 
_refine_ls_restr.criterion 
_refine_ls_restr.dev_ideal 
_refine_ls_restr.dev_ideal_target 
_refine_ls_restr.number 
_refine_ls_restr.rejects 
_refine_ls_restr.type 
_refine_ls_restr.weight 
_refine_ls_restr.pdbx_restraint_function 
'X-RAY DIFFRACTION' ? 0.014 0.011  660  ? r_bond_refined_d               ? ? 
'X-RAY DIFFRACTION' ? 0.003 0.020  332  ? r_bond_other_d                 ? ? 
'X-RAY DIFFRACTION' ? 1.741 1.220  1012 ? r_angle_refined_deg            ? ? 
'X-RAY DIFFRACTION' ? 1.383 3.000  776  ? r_angle_other_deg              ? ? 
'X-RAY DIFFRACTION' ? 0.152 0.200  84   ? r_chiral_restr                 ? ? 
'X-RAY DIFFRACTION' ? 0.013 0.020  374  ? r_gen_planes_refined           ? ? 
'X-RAY DIFFRACTION' ? 0.002 0.020  169  ? r_gen_planes_other             ? ? 
'X-RAY DIFFRACTION' ? 0.084 0.200  50   ? r_nbd_refined                  ? ? 
'X-RAY DIFFRACTION' ? 0.211 0.200  352  ? r_symmetry_nbd_other           ? ? 
'X-RAY DIFFRACTION' ? 0.269 0.200  214  ? r_nbtor_refined                ? ? 
'X-RAY DIFFRACTION' ? 0.058 0.200  126  ? r_symmetry_nbtor_other         ? ? 
'X-RAY DIFFRACTION' ? 0.035 0.200  6    ? r_xyhbond_nbd_refined          ? ? 
'X-RAY DIFFRACTION' ? 0.153 0.200  15   ? r_symmetry_nbd_refined         ? ? 
'X-RAY DIFFRACTION' ? 0.251 0.200  79   ? r_nbd_other                    ? ? 
'X-RAY DIFFRACTION' ? 0.476 0.200  1    ? r_symmetry_xyhbond_nbd_refined ? ? 
'X-RAY DIFFRACTION' ? 1.855 4.371  660  ? r_scbond_it                    ? ? 
'X-RAY DIFFRACTION' ? 1.856 4.392  661  ? r_scbond_other                 ? ? 
'X-RAY DIFFRACTION' ? 2.470 6.501  1012 ? r_scangle_it                   ? ? 
'X-RAY DIFFRACTION' ? 2.469 6.522  1013 ? r_scangle_other                ? ? 
'X-RAY DIFFRACTION' ? 5.787 39.678 880  ? r_lrange_it                    ? ? 
'X-RAY DIFFRACTION' ? 5.784 39.909 881  ? r_lrange_other                 ? ? 
# 
loop_
_refine_ls_shell.pdbx_refine_id 
_refine_ls_shell.d_res_high 
_refine_ls_shell.d_res_low 
_refine_ls_shell.number_reflns_all 
_refine_ls_shell.number_reflns_obs 
_refine_ls_shell.number_reflns_R_free 
_refine_ls_shell.number_reflns_R_work 
_refine_ls_shell.percent_reflns_obs 
_refine_ls_shell.percent_reflns_R_free 
_refine_ls_shell.R_factor_all 
_refine_ls_shell.R_factor_obs 
_refine_ls_shell.R_factor_R_free 
_refine_ls_shell.R_factor_R_free_error 
_refine_ls_shell.R_factor_R_work 
_refine_ls_shell.redundancy_reflns_all 
_refine_ls_shell.redundancy_reflns_obs 
_refine_ls_shell.wR_factor_all 
_refine_ls_shell.wR_factor_obs 
_refine_ls_shell.wR_factor_R_free 
_refine_ls_shell.wR_factor_R_work 
_refine_ls_shell.pdbx_R_complete 
_refine_ls_shell.pdbx_total_number_of_bins_used 
_refine_ls_shell.pdbx_phase_error 
_refine_ls_shell.pdbx_fsc_work 
_refine_ls_shell.pdbx_fsc_free 
'X-RAY DIFFRACTION' 1.837 1.885 . . 29 453 90.9434  . . . 0.192 . 0.142 . . . . . . . . . . . 
'X-RAY DIFFRACTION' 1.885 1.936 . . 28 484 99.2248  . . . 0.542 . 0.433 . . . . . . . . . . . 
'X-RAY DIFFRACTION' 1.936 1.992 . . 23 485 99.8035  . . . 0.145 . 0.126 . . . . . . . . . . . 
'X-RAY DIFFRACTION' 1.992 2.053 . . 27 453 100.0000 . . . 0.131 . 0.099 . . . . . . . . . . . 
'X-RAY DIFFRACTION' 2.053 2.120 . . 21 448 100.0000 . . . 0.132 . 0.094 . . . . . . . . . . . 
'X-RAY DIFFRACTION' 2.120 2.195 . . 23 442 100.0000 . . . 0.091 . 0.078 . . . . . . . . . . . 
'X-RAY DIFFRACTION' 2.195 2.277 . . 22 425 100.0000 . . . 0.089 . 0.066 . . . . . . . . . . . 
'X-RAY DIFFRACTION' 2.277 2.370 . . 20 403 99.7642  . . . 0.164 . 0.108 . . . . . . . . . . . 
'X-RAY DIFFRACTION' 2.370 2.475 . . 23 396 99.7619  . . . 0.109 . 0.115 . . . . . . . . . . . 
'X-RAY DIFFRACTION' 2.475 2.595 . . 16 377 100.0000 . . . 0.133 . 0.089 . . . . . . . . . . . 
'X-RAY DIFFRACTION' 2.595 2.735 . . 19 359 99.7361  . . . 0.072 . 0.079 . . . . . . . . . . . 
'X-RAY DIFFRACTION' 2.735 2.899 . . 18 333 99.1525  . . . 0.085 . 0.076 . . . . . . . . . . . 
'X-RAY DIFFRACTION' 2.899 3.098 . . 9  324 97.9412  . . . 0.137 . 0.091 . . . . . . . . . . . 
'X-RAY DIFFRACTION' 3.098 3.345 . . 16 311 99.6951  . . . 0.138 . 0.132 . . . . . . . . . . . 
'X-RAY DIFFRACTION' 3.345 3.661 . . 10 284 99.3243  . . . 0.131 . 0.126 . . . . . . . . . . . 
'X-RAY DIFFRACTION' 3.661 4.088 . . 15 258 98.9130  . . . 0.107 . 0.109 . . . . . . . . . . . 
'X-RAY DIFFRACTION' 4.088 4.712 . . 14 233 98.4064  . . . 0.071 . 0.076 . . . . . . . . . . . 
'X-RAY DIFFRACTION' 4.712 5.748 . . 15 195 99.5261  . . . 0.152 . 0.109 . . . . . . . . . . . 
'X-RAY DIFFRACTION' 5.748 8.037 . . 5  166 97.7143  . . . 0.310 . 0.242 . . . . . . . . . . . 
'X-RAY DIFFRACTION' 8.037 37.8  . . 8  105 95.7627  . . . 2.035 . 0.656 . . . . . . . . . . . 
# 
_struct.entry_id                     8ASH 
_struct.title                        'Crystal structure of d(CCGGGGTACCCCGG) with XRB' 
_struct.pdbx_model_details           ? 
_struct.pdbx_formula_weight          ? 
_struct.pdbx_formula_weight_method   ? 
_struct.pdbx_model_type_details      ? 
_struct.pdbx_CASP_flag               N 
# 
_struct_keywords.entry_id        8ASH 
_struct_keywords.text            'Ligand, Interaction, DNA' 
_struct_keywords.pdbx_keywords   DNA 
# 
loop_
_struct_asym.id 
_struct_asym.pdbx_blank_PDB_chainid_flag 
_struct_asym.pdbx_modified 
_struct_asym.entity_id 
_struct_asym.details 
A N N 1 ? 
B N N 1 ? 
C N N 2 ? 
# 
_struct_ref.id                         1 
_struct_ref.db_name                    PDB 
_struct_ref.db_code                    8ASH 
_struct_ref.pdbx_db_accession          8ASH 
_struct_ref.pdbx_db_isoform            ? 
_struct_ref.entity_id                  1 
_struct_ref.pdbx_seq_one_letter_code   ? 
_struct_ref.pdbx_align_begin           1 
# 
loop_
_struct_ref_seq.align_id 
_struct_ref_seq.ref_id 
_struct_ref_seq.pdbx_PDB_id_code 
_struct_ref_seq.pdbx_strand_id 
_struct_ref_seq.seq_align_beg 
_struct_ref_seq.pdbx_seq_align_beg_ins_code 
_struct_ref_seq.seq_align_end 
_struct_ref_seq.pdbx_seq_align_end_ins_code 
_struct_ref_seq.pdbx_db_accession 
_struct_ref_seq.db_align_beg 
_struct_ref_seq.pdbx_db_align_beg_ins_code 
_struct_ref_seq.db_align_end 
_struct_ref_seq.pdbx_db_align_end_ins_code 
_struct_ref_seq.pdbx_auth_seq_align_beg 
_struct_ref_seq.pdbx_auth_seq_align_end 
1 1 8ASH AAA 1 ? 14 ? 8ASH 1 ? 14 ? 1 14 
2 1 8ASH BBB 1 ? 14 ? 8ASH 1 ? 14 ? 1 14 
# 
_pdbx_struct_assembly.id                   1 
_pdbx_struct_assembly.details              author_and_software_defined_assembly 
_pdbx_struct_assembly.method_details       PISA 
_pdbx_struct_assembly.oligomeric_details   dimeric 
_pdbx_struct_assembly.oligomeric_count     2 
# 
loop_
_pdbx_struct_assembly_prop.biol_id 
_pdbx_struct_assembly_prop.type 
_pdbx_struct_assembly_prop.value 
_pdbx_struct_assembly_prop.details 
1 'ABSA (A^2)' 1610 ? 
1 MORE         -4   ? 
1 'SSA (A^2)'  5350 ? 
# 
_pdbx_struct_assembly_gen.assembly_id       1 
_pdbx_struct_assembly_gen.oper_expression   1 
_pdbx_struct_assembly_gen.asym_id_list      A,B,C 
# 
_pdbx_struct_assembly_auth_evidence.id                     1 
_pdbx_struct_assembly_auth_evidence.assembly_id            1 
_pdbx_struct_assembly_auth_evidence.experimental_support   none 
_pdbx_struct_assembly_auth_evidence.details                ? 
# 
_pdbx_struct_oper_list.id                   1 
_pdbx_struct_oper_list.type                 'identity operation' 
_pdbx_struct_oper_list.name                 1_555 
_pdbx_struct_oper_list.symmetry_operation   x,y,z 
_pdbx_struct_oper_list.matrix[1][1]         1.0000000000 
_pdbx_struct_oper_list.matrix[1][2]         0.0000000000 
_pdbx_struct_oper_list.matrix[1][3]         0.0000000000 
_pdbx_struct_oper_list.vector[1]            0.0000000000 
_pdbx_struct_oper_list.matrix[2][1]         0.0000000000 
_pdbx_struct_oper_list.matrix[2][2]         1.0000000000 
_pdbx_struct_oper_list.matrix[2][3]         0.0000000000 
_pdbx_struct_oper_list.vector[2]            0.0000000000 
_pdbx_struct_oper_list.matrix[3][1]         0.0000000000 
_pdbx_struct_oper_list.matrix[3][2]         0.0000000000 
_pdbx_struct_oper_list.matrix[3][3]         1.0000000000 
_pdbx_struct_oper_list.vector[3]            0.0000000000 
# 
loop_
_struct_conn.id 
_struct_conn.conn_type_id 
_struct_conn.pdbx_leaving_atom_flag 
_struct_conn.pdbx_PDB_id 
_struct_conn.ptnr1_label_asym_id 
_struct_conn.ptnr1_label_comp_id 
_struct_conn.ptnr1_label_seq_id 
_struct_conn.ptnr1_label_atom_id 
_struct_conn.pdbx_ptnr1_label_alt_id 
_struct_conn.pdbx_ptnr1_PDB_ins_code 
_struct_conn.pdbx_ptnr1_standard_comp_id 
_struct_conn.ptnr1_symmetry 
_struct_conn.ptnr2_label_asym_id 
_struct_conn.ptnr2_label_comp_id 
_struct_conn.ptnr2_label_seq_id 
_struct_conn.ptnr2_label_atom_id 
_struct_conn.pdbx_ptnr2_label_alt_id 
_struct_conn.pdbx_ptnr2_PDB_ins_code 
_struct_conn.ptnr1_auth_asym_id 
_struct_conn.ptnr1_auth_comp_id 
_struct_conn.ptnr1_auth_seq_id 
_struct_conn.ptnr2_auth_asym_id 
_struct_conn.ptnr2_auth_comp_id 
_struct_conn.ptnr2_auth_seq_id 
_struct_conn.ptnr2_symmetry 
_struct_conn.pdbx_ptnr3_label_atom_id 
_struct_conn.pdbx_ptnr3_label_seq_id 
_struct_conn.pdbx_ptnr3_label_comp_id 
_struct_conn.pdbx_ptnr3_label_asym_id 
_struct_conn.pdbx_ptnr3_label_alt_id 
_struct_conn.pdbx_ptnr3_PDB_ins_code 
_struct_conn.details 
_struct_conn.pdbx_dist_value 
_struct_conn.pdbx_value_order 
_struct_conn.pdbx_role 
hydrog1  hydrog ? ? A DC 1  N3 ? ? ? 1_555 B DG 14 N1 ? ? AAA DC 1  BBB DG 14 1_555 ? ? ? ? ? ? WATSON-CRICK ? ? ? 
hydrog2  hydrog ? ? A DC 1  N4 ? ? ? 1_555 B DG 14 O6 ? ? AAA DC 1  BBB DG 14 1_555 ? ? ? ? ? ? WATSON-CRICK ? ? ? 
hydrog3  hydrog ? ? A DC 1  O2 ? ? ? 1_555 B DG 14 N2 ? ? AAA DC 1  BBB DG 14 1_555 ? ? ? ? ? ? WATSON-CRICK ? ? ? 
hydrog4  hydrog ? ? A DC 2  N3 ? ? ? 1_555 B DG 13 N1 ? ? AAA DC 2  BBB DG 13 1_555 ? ? ? ? ? ? WATSON-CRICK ? ? ? 
hydrog5  hydrog ? ? A DC 2  N4 ? ? ? 1_555 B DG 13 O6 ? ? AAA DC 2  BBB DG 13 1_555 ? ? ? ? ? ? WATSON-CRICK ? ? ? 
hydrog6  hydrog ? ? A DC 2  O2 ? ? ? 1_555 B DG 13 N2 ? ? AAA DC 2  BBB DG 13 1_555 ? ? ? ? ? ? WATSON-CRICK ? ? ? 
hydrog7  hydrog ? ? A DG 3  N1 ? ? ? 1_555 B DC 12 N3 ? ? AAA DG 3  BBB DC 12 1_555 ? ? ? ? ? ? WATSON-CRICK ? ? ? 
hydrog8  hydrog ? ? A DG 3  N2 ? ? ? 1_555 B DC 12 O2 ? ? AAA DG 3  BBB DC 12 1_555 ? ? ? ? ? ? WATSON-CRICK ? ? ? 
hydrog9  hydrog ? ? A DG 3  O6 ? ? ? 1_555 B DC 12 N4 ? ? AAA DG 3  BBB DC 12 1_555 ? ? ? ? ? ? WATSON-CRICK ? ? ? 
hydrog10 hydrog ? ? A DG 4  N1 ? ? ? 1_555 B DC 11 N3 ? ? AAA DG 4  BBB DC 11 1_555 ? ? ? ? ? ? WATSON-CRICK ? ? ? 
hydrog11 hydrog ? ? A DG 4  N2 ? ? ? 1_555 B DC 11 O2 ? ? AAA DG 4  BBB DC 11 1_555 ? ? ? ? ? ? WATSON-CRICK ? ? ? 
hydrog12 hydrog ? ? A DG 4  O6 ? ? ? 1_555 B DC 11 N4 ? ? AAA DG 4  BBB DC 11 1_555 ? ? ? ? ? ? WATSON-CRICK ? ? ? 
hydrog13 hydrog ? ? A DG 5  N1 ? ? ? 1_555 B DC 10 N3 ? ? AAA DG 5  BBB DC 10 1_555 ? ? ? ? ? ? WATSON-CRICK ? ? ? 
hydrog14 hydrog ? ? A DG 5  N2 ? ? ? 1_555 B DC 10 O2 ? ? AAA DG 5  BBB DC 10 1_555 ? ? ? ? ? ? WATSON-CRICK ? ? ? 
hydrog15 hydrog ? ? A DG 5  O6 ? ? ? 1_555 B DC 10 N4 ? ? AAA DG 5  BBB DC 10 1_555 ? ? ? ? ? ? WATSON-CRICK ? ? ? 
hydrog16 hydrog ? ? A DG 6  N1 ? ? ? 1_555 B DC 9  N3 ? ? AAA DG 6  BBB DC 9  1_555 ? ? ? ? ? ? WATSON-CRICK ? ? ? 
hydrog17 hydrog ? ? A DG 6  N2 ? ? ? 1_555 B DC 9  O2 ? ? AAA DG 6  BBB DC 9  1_555 ? ? ? ? ? ? WATSON-CRICK ? ? ? 
hydrog18 hydrog ? ? A DG 6  O6 ? ? ? 1_555 B DC 9  N4 ? ? AAA DG 6  BBB DC 9  1_555 ? ? ? ? ? ? WATSON-CRICK ? ? ? 
hydrog19 hydrog ? ? A DT 7  N3 ? ? ? 1_555 B DA 8  N1 ? ? AAA DT 7  BBB DA 8  1_555 ? ? ? ? ? ? WATSON-CRICK ? ? ? 
hydrog20 hydrog ? ? A DT 7  O4 ? ? ? 1_555 B DA 8  N6 ? ? AAA DT 7  BBB DA 8  1_555 ? ? ? ? ? ? WATSON-CRICK ? ? ? 
hydrog21 hydrog ? ? A DA 8  N1 ? ? ? 1_555 B DT 7  N3 ? ? AAA DA 8  BBB DT 7  1_555 ? ? ? ? ? ? WATSON-CRICK ? ? ? 
hydrog22 hydrog ? ? A DA 8  N6 ? ? ? 1_555 B DT 7  O4 ? ? AAA DA 8  BBB DT 7  1_555 ? ? ? ? ? ? WATSON-CRICK ? ? ? 
hydrog23 hydrog ? ? A DC 9  N3 ? ? ? 1_555 B DG 6  N1 ? ? AAA DC 9  BBB DG 6  1_555 ? ? ? ? ? ? WATSON-CRICK ? ? ? 
hydrog24 hydrog ? ? A DC 9  N4 ? ? ? 1_555 B DG 6  O6 ? ? AAA DC 9  BBB DG 6  1_555 ? ? ? ? ? ? WATSON-CRICK ? ? ? 
hydrog25 hydrog ? ? A DC 9  O2 ? ? ? 1_555 B DG 6  N2 ? ? AAA DC 9  BBB DG 6  1_555 ? ? ? ? ? ? WATSON-CRICK ? ? ? 
hydrog26 hydrog ? ? A DC 10 N3 ? ? ? 1_555 B DG 5  N1 ? ? AAA DC 10 BBB DG 5  1_555 ? ? ? ? ? ? WATSON-CRICK ? ? ? 
hydrog27 hydrog ? ? A DC 10 N4 ? ? ? 1_555 B DG 5  O6 ? ? AAA DC 10 BBB DG 5  1_555 ? ? ? ? ? ? WATSON-CRICK ? ? ? 
hydrog28 hydrog ? ? A DC 10 O2 ? ? ? 1_555 B DG 5  N2 ? ? AAA DC 10 BBB DG 5  1_555 ? ? ? ? ? ? WATSON-CRICK ? ? ? 
hydrog29 hydrog ? ? A DC 11 N3 ? ? ? 1_555 B DG 4  N1 ? ? AAA DC 11 BBB DG 4  1_555 ? ? ? ? ? ? WATSON-CRICK ? ? ? 
hydrog30 hydrog ? ? A DC 11 N4 ? ? ? 1_555 B DG 4  O6 ? ? AAA DC 11 BBB DG 4  1_555 ? ? ? ? ? ? WATSON-CRICK ? ? ? 
hydrog31 hydrog ? ? A DC 11 O2 ? ? ? 1_555 B DG 4  N2 ? ? AAA DC 11 BBB DG 4  1_555 ? ? ? ? ? ? WATSON-CRICK ? ? ? 
hydrog32 hydrog ? ? A DC 12 N3 ? ? ? 1_555 B DG 3  N1 ? ? AAA DC 12 BBB DG 3  1_555 ? ? ? ? ? ? WATSON-CRICK ? ? ? 
hydrog33 hydrog ? ? A DC 12 N4 ? ? ? 1_555 B DG 3  O6 ? ? AAA DC 12 BBB DG 3  1_555 ? ? ? ? ? ? WATSON-CRICK ? ? ? 
hydrog34 hydrog ? ? A DC 12 O2 ? ? ? 1_555 B DG 3  N2 ? ? AAA DC 12 BBB DG 3  1_555 ? ? ? ? ? ? WATSON-CRICK ? ? ? 
hydrog35 hydrog ? ? A DG 13 N1 ? ? ? 1_555 B DC 2  N3 ? ? AAA DG 13 BBB DC 2  1_555 ? ? ? ? ? ? WATSON-CRICK ? ? ? 
hydrog36 hydrog ? ? A DG 13 N2 ? ? ? 1_555 B DC 2  O2 ? ? AAA DG 13 BBB DC 2  1_555 ? ? ? ? ? ? WATSON-CRICK ? ? ? 
hydrog37 hydrog ? ? A DG 13 O6 ? ? ? 1_555 B DC 2  N4 ? ? AAA DG 13 BBB DC 2  1_555 ? ? ? ? ? ? WATSON-CRICK ? ? ? 
hydrog38 hydrog ? ? A DG 14 N1 ? ? ? 1_555 B DC 1  N3 ? ? AAA DG 14 BBB DC 1  1_555 ? ? ? ? ? ? WATSON-CRICK ? ? ? 
hydrog39 hydrog ? ? A DG 14 N2 ? ? ? 1_555 B DC 1  O2 ? ? AAA DG 14 BBB DC 1  1_555 ? ? ? ? ? ? WATSON-CRICK ? ? ? 
hydrog40 hydrog ? ? A DG 14 O6 ? ? ? 1_555 B DC 1  N4 ? ? AAA DG 14 BBB DC 1  1_555 ? ? ? ? ? ? WATSON-CRICK ? ? ? 
# 
_struct_conn_type.id          hydrog 
_struct_conn_type.criteria    ? 
_struct_conn_type.reference   ? 
# 
_pdbx_entry_details.entry_id                 8ASH 
_pdbx_entry_details.has_ligand_of_interest   Y 
_pdbx_entry_details.compound_details         ? 
_pdbx_entry_details.source_details           ? 
_pdbx_entry_details.nonpolymer_details       ? 
_pdbx_entry_details.sequence_details         ? 
# 
loop_
_chem_comp_atom.comp_id 
_chem_comp_atom.atom_id 
_chem_comp_atom.type_symbol 
_chem_comp_atom.pdbx_aromatic_flag 
_chem_comp_atom.pdbx_stereo_config 
_chem_comp_atom.pdbx_ordinal 
DA  OP3    O N N 1   
DA  P      P N N 2   
DA  OP1    O N N 3   
DA  OP2    O N N 4   
DA  "O5'"  O N N 5   
DA  "C5'"  C N N 6   
DA  "C4'"  C N R 7   
DA  "O4'"  O N N 8   
DA  "C3'"  C N S 9   
DA  "O3'"  O N N 10  
DA  "C2'"  C N N 11  
DA  "C1'"  C N R 12  
DA  N9     N Y N 13  
DA  C8     C Y N 14  
DA  N7     N Y N 15  
DA  C5     C Y N 16  
DA  C6     C Y N 17  
DA  N6     N N N 18  
DA  N1     N Y N 19  
DA  C2     C Y N 20  
DA  N3     N Y N 21  
DA  C4     C Y N 22  
DA  HOP3   H N N 23  
DA  HOP2   H N N 24  
DA  "H5'"  H N N 25  
DA  "H5''" H N N 26  
DA  "H4'"  H N N 27  
DA  "H3'"  H N N 28  
DA  "HO3'" H N N 29  
DA  "H2'"  H N N 30  
DA  "H2''" H N N 31  
DA  "H1'"  H N N 32  
DA  H8     H N N 33  
DA  H61    H N N 34  
DA  H62    H N N 35  
DA  H2     H N N 36  
DC  OP3    O N N 37  
DC  P      P N N 38  
DC  OP1    O N N 39  
DC  OP2    O N N 40  
DC  "O5'"  O N N 41  
DC  "C5'"  C N N 42  
DC  "C4'"  C N R 43  
DC  "O4'"  O N N 44  
DC  "C3'"  C N S 45  
DC  "O3'"  O N N 46  
DC  "C2'"  C N N 47  
DC  "C1'"  C N R 48  
DC  N1     N N N 49  
DC  C2     C N N 50  
DC  O2     O N N 51  
DC  N3     N N N 52  
DC  C4     C N N 53  
DC  N4     N N N 54  
DC  C5     C N N 55  
DC  C6     C N N 56  
DC  HOP3   H N N 57  
DC  HOP2   H N N 58  
DC  "H5'"  H N N 59  
DC  "H5''" H N N 60  
DC  "H4'"  H N N 61  
DC  "H3'"  H N N 62  
DC  "HO3'" H N N 63  
DC  "H2'"  H N N 64  
DC  "H2''" H N N 65  
DC  "H1'"  H N N 66  
DC  H41    H N N 67  
DC  H42    H N N 68  
DC  H5     H N N 69  
DC  H6     H N N 70  
DG  OP3    O N N 71  
DG  P      P N N 72  
DG  OP1    O N N 73  
DG  OP2    O N N 74  
DG  "O5'"  O N N 75  
DG  "C5'"  C N N 76  
DG  "C4'"  C N R 77  
DG  "O4'"  O N N 78  
DG  "C3'"  C N S 79  
DG  "O3'"  O N N 80  
DG  "C2'"  C N N 81  
DG  "C1'"  C N R 82  
DG  N9     N Y N 83  
DG  C8     C Y N 84  
DG  N7     N Y N 85  
DG  C5     C Y N 86  
DG  C6     C N N 87  
DG  O6     O N N 88  
DG  N1     N N N 89  
DG  C2     C N N 90  
DG  N2     N N N 91  
DG  N3     N N N 92  
DG  C4     C Y N 93  
DG  HOP3   H N N 94  
DG  HOP2   H N N 95  
DG  "H5'"  H N N 96  
DG  "H5''" H N N 97  
DG  "H4'"  H N N 98  
DG  "H3'"  H N N 99  
DG  "HO3'" H N N 100 
DG  "H2'"  H N N 101 
DG  "H2''" H N N 102 
DG  "H1'"  H N N 103 
DG  H8     H N N 104 
DG  H1     H N N 105 
DG  H21    H N N 106 
DG  H22    H N N 107 
DT  OP3    O N N 108 
DT  P      P N N 109 
DT  OP1    O N N 110 
DT  OP2    O N N 111 
DT  "O5'"  O N N 112 
DT  "C5'"  C N N 113 
DT  "C4'"  C N R 114 
DT  "O4'"  O N N 115 
DT  "C3'"  C N S 116 
DT  "O3'"  O N N 117 
DT  "C2'"  C N N 118 
DT  "C1'"  C N R 119 
DT  N1     N N N 120 
DT  C2     C N N 121 
DT  O2     O N N 122 
DT  N3     N N N 123 
DT  C4     C N N 124 
DT  O4     O N N 125 
DT  C5     C N N 126 
DT  C7     C N N 127 
DT  C6     C N N 128 
DT  HOP3   H N N 129 
DT  HOP2   H N N 130 
DT  "H5'"  H N N 131 
DT  "H5''" H N N 132 
DT  "H4'"  H N N 133 
DT  "H3'"  H N N 134 
DT  "HO3'" H N N 135 
DT  "H2'"  H N N 136 
DT  "H2''" H N N 137 
DT  "H1'"  H N N 138 
DT  H3     H N N 139 
DT  H71    H N N 140 
DT  H72    H N N 141 
DT  H73    H N N 142 
DT  H6     H N N 143 
O89 C16    C N N 144 
O89 C15    C Y N 145 
O89 C14    C Y N 146 
O89 C13    C Y N 147 
O89 C17    C Y N 148 
O89 C18    C Y N 149 
O89 C12    C Y N 150 
O89 N3     N Y N 151 
O89 C11    C N N 152 
O89 S1     S Y N 153 
O89 C10    C Y N 154 
O89 N2     N N N 155 
O89 C9     C N N 156 
O89 C8     C Y N 157 
O89 C5     C Y N 158 
O89 C4     C Y N 159 
O89 C7     C Y N 160 
O89 C6     C Y N 161 
O89 C3     C Y N 162 
O89 N1     N N N 163 
O89 C2     C N N 164 
O89 C1     C N N 165 
O89 H1     H N N 166 
O89 H2     H N N 167 
O89 H3     H N N 168 
O89 H4     H N N 169 
O89 H5     H N N 170 
O89 H6     H N N 171 
O89 H7     H N N 172 
O89 H8     H N N 173 
O89 H9     H N N 174 
O89 H10    H N N 175 
O89 H11    H N N 176 
O89 H12    H N N 177 
O89 H13    H N N 178 
O89 H14    H N N 179 
O89 H15    H N N 180 
O89 H16    H N N 181 
O89 H17    H N N 182 
O89 H18    H N N 183 
O89 H19    H N N 184 
O89 H20    H N N 185 
# 
loop_
_chem_comp_bond.comp_id 
_chem_comp_bond.atom_id_1 
_chem_comp_bond.atom_id_2 
_chem_comp_bond.value_order 
_chem_comp_bond.pdbx_aromatic_flag 
_chem_comp_bond.pdbx_stereo_config 
_chem_comp_bond.pdbx_ordinal 
DA  OP3   P      sing N N 1   
DA  OP3   HOP3   sing N N 2   
DA  P     OP1    doub N N 3   
DA  P     OP2    sing N N 4   
DA  P     "O5'"  sing N N 5   
DA  OP2   HOP2   sing N N 6   
DA  "O5'" "C5'"  sing N N 7   
DA  "C5'" "C4'"  sing N N 8   
DA  "C5'" "H5'"  sing N N 9   
DA  "C5'" "H5''" sing N N 10  
DA  "C4'" "O4'"  sing N N 11  
DA  "C4'" "C3'"  sing N N 12  
DA  "C4'" "H4'"  sing N N 13  
DA  "O4'" "C1'"  sing N N 14  
DA  "C3'" "O3'"  sing N N 15  
DA  "C3'" "C2'"  sing N N 16  
DA  "C3'" "H3'"  sing N N 17  
DA  "O3'" "HO3'" sing N N 18  
DA  "C2'" "C1'"  sing N N 19  
DA  "C2'" "H2'"  sing N N 20  
DA  "C2'" "H2''" sing N N 21  
DA  "C1'" N9     sing N N 22  
DA  "C1'" "H1'"  sing N N 23  
DA  N9    C8     sing Y N 24  
DA  N9    C4     sing Y N 25  
DA  C8    N7     doub Y N 26  
DA  C8    H8     sing N N 27  
DA  N7    C5     sing Y N 28  
DA  C5    C6     sing Y N 29  
DA  C5    C4     doub Y N 30  
DA  C6    N6     sing N N 31  
DA  C6    N1     doub Y N 32  
DA  N6    H61    sing N N 33  
DA  N6    H62    sing N N 34  
DA  N1    C2     sing Y N 35  
DA  C2    N3     doub Y N 36  
DA  C2    H2     sing N N 37  
DA  N3    C4     sing Y N 38  
DC  OP3   P      sing N N 39  
DC  OP3   HOP3   sing N N 40  
DC  P     OP1    doub N N 41  
DC  P     OP2    sing N N 42  
DC  P     "O5'"  sing N N 43  
DC  OP2   HOP2   sing N N 44  
DC  "O5'" "C5'"  sing N N 45  
DC  "C5'" "C4'"  sing N N 46  
DC  "C5'" "H5'"  sing N N 47  
DC  "C5'" "H5''" sing N N 48  
DC  "C4'" "O4'"  sing N N 49  
DC  "C4'" "C3'"  sing N N 50  
DC  "C4'" "H4'"  sing N N 51  
DC  "O4'" "C1'"  sing N N 52  
DC  "C3'" "O3'"  sing N N 53  
DC  "C3'" "C2'"  sing N N 54  
DC  "C3'" "H3'"  sing N N 55  
DC  "O3'" "HO3'" sing N N 56  
DC  "C2'" "C1'"  sing N N 57  
DC  "C2'" "H2'"  sing N N 58  
DC  "C2'" "H2''" sing N N 59  
DC  "C1'" N1     sing N N 60  
DC  "C1'" "H1'"  sing N N 61  
DC  N1    C2     sing N N 62  
DC  N1    C6     sing N N 63  
DC  C2    O2     doub N N 64  
DC  C2    N3     sing N N 65  
DC  N3    C4     doub N N 66  
DC  C4    N4     sing N N 67  
DC  C4    C5     sing N N 68  
DC  N4    H41    sing N N 69  
DC  N4    H42    sing N N 70  
DC  C5    C6     doub N N 71  
DC  C5    H5     sing N N 72  
DC  C6    H6     sing N N 73  
DG  OP3   P      sing N N 74  
DG  OP3   HOP3   sing N N 75  
DG  P     OP1    doub N N 76  
DG  P     OP2    sing N N 77  
DG  P     "O5'"  sing N N 78  
DG  OP2   HOP2   sing N N 79  
DG  "O5'" "C5'"  sing N N 80  
DG  "C5'" "C4'"  sing N N 81  
DG  "C5'" "H5'"  sing N N 82  
DG  "C5'" "H5''" sing N N 83  
DG  "C4'" "O4'"  sing N N 84  
DG  "C4'" "C3'"  sing N N 85  
DG  "C4'" "H4'"  sing N N 86  
DG  "O4'" "C1'"  sing N N 87  
DG  "C3'" "O3'"  sing N N 88  
DG  "C3'" "C2'"  sing N N 89  
DG  "C3'" "H3'"  sing N N 90  
DG  "O3'" "HO3'" sing N N 91  
DG  "C2'" "C1'"  sing N N 92  
DG  "C2'" "H2'"  sing N N 93  
DG  "C2'" "H2''" sing N N 94  
DG  "C1'" N9     sing N N 95  
DG  "C1'" "H1'"  sing N N 96  
DG  N9    C8     sing Y N 97  
DG  N9    C4     sing Y N 98  
DG  C8    N7     doub Y N 99  
DG  C8    H8     sing N N 100 
DG  N7    C5     sing Y N 101 
DG  C5    C6     sing N N 102 
DG  C5    C4     doub Y N 103 
DG  C6    O6     doub N N 104 
DG  C6    N1     sing N N 105 
DG  N1    C2     sing N N 106 
DG  N1    H1     sing N N 107 
DG  C2    N2     sing N N 108 
DG  C2    N3     doub N N 109 
DG  N2    H21    sing N N 110 
DG  N2    H22    sing N N 111 
DG  N3    C4     sing N N 112 
DT  OP3   P      sing N N 113 
DT  OP3   HOP3   sing N N 114 
DT  P     OP1    doub N N 115 
DT  P     OP2    sing N N 116 
DT  P     "O5'"  sing N N 117 
DT  OP2   HOP2   sing N N 118 
DT  "O5'" "C5'"  sing N N 119 
DT  "C5'" "C4'"  sing N N 120 
DT  "C5'" "H5'"  sing N N 121 
DT  "C5'" "H5''" sing N N 122 
DT  "C4'" "O4'"  sing N N 123 
DT  "C4'" "C3'"  sing N N 124 
DT  "C4'" "H4'"  sing N N 125 
DT  "O4'" "C1'"  sing N N 126 
DT  "C3'" "O3'"  sing N N 127 
DT  "C3'" "C2'"  sing N N 128 
DT  "C3'" "H3'"  sing N N 129 
DT  "O3'" "HO3'" sing N N 130 
DT  "C2'" "C1'"  sing N N 131 
DT  "C2'" "H2'"  sing N N 132 
DT  "C2'" "H2''" sing N N 133 
DT  "C1'" N1     sing N N 134 
DT  "C1'" "H1'"  sing N N 135 
DT  N1    C2     sing N N 136 
DT  N1    C6     sing N N 137 
DT  C2    O2     doub N N 138 
DT  C2    N3     sing N N 139 
DT  N3    C4     sing N N 140 
DT  N3    H3     sing N N 141 
DT  C4    O4     doub N N 142 
DT  C4    C5     sing N N 143 
DT  C5    C7     sing N N 144 
DT  C5    C6     doub N N 145 
DT  C7    H71    sing N N 146 
DT  C7    H72    sing N N 147 
DT  C7    H73    sing N N 148 
DT  C6    H6     sing N N 149 
O89 C11   N3     sing N N 150 
O89 C13   C14    doub Y N 151 
O89 C13   C12    sing Y N 152 
O89 C14   C15    sing Y N 153 
O89 N3    C12    sing Y N 154 
O89 N3    C10    doub Y N 155 
O89 C1    N1     sing N N 156 
O89 C12   C18    doub Y N 157 
O89 C4    C5     doub Y N 158 
O89 C4    C3     sing Y N 159 
O89 C5    C8     sing Y N 160 
O89 N1    C3     sing N N 161 
O89 N1    C2     sing N N 162 
O89 C3    C6     doub Y N 163 
O89 C8    C9     sing N N 164 
O89 C8    C7     doub Y N 165 
O89 C9    N2     doub N N 166 
O89 C6    C7     sing Y N 167 
O89 N2    C10    sing N N 168 
O89 C10   S1     sing Y N 169 
O89 C15   C16    sing N N 170 
O89 C15   C17    doub Y N 171 
O89 C18   C17    sing Y N 172 
O89 C18   S1     sing Y N 173 
O89 C16   H1     sing N N 174 
O89 C16   H2     sing N N 175 
O89 C16   H3     sing N N 176 
O89 C14   H4     sing N N 177 
O89 C13   H5     sing N N 178 
O89 C17   H6     sing N N 179 
O89 C11   H7     sing N N 180 
O89 C11   H8     sing N N 181 
O89 C11   H9     sing N N 182 
O89 C9    H10    sing N N 183 
O89 C5    H11    sing N N 184 
O89 C4    H12    sing N N 185 
O89 C7    H13    sing N N 186 
O89 C6    H14    sing N N 187 
O89 C2    H15    sing N N 188 
O89 C2    H16    sing N N 189 
O89 C2    H17    sing N N 190 
O89 C1    H18    sing N N 191 
O89 C1    H19    sing N N 192 
O89 C1    H20    sing N N 193 
# 
loop_
_ndb_struct_conf_na.entry_id 
_ndb_struct_conf_na.feature 
8ASH 'double helix'        
8ASH 'a-form double helix' 
# 
loop_
_ndb_struct_na_base_pair.model_number 
_ndb_struct_na_base_pair.i_label_asym_id 
_ndb_struct_na_base_pair.i_label_comp_id 
_ndb_struct_na_base_pair.i_label_seq_id 
_ndb_struct_na_base_pair.i_symmetry 
_ndb_struct_na_base_pair.j_label_asym_id 
_ndb_struct_na_base_pair.j_label_comp_id 
_ndb_struct_na_base_pair.j_label_seq_id 
_ndb_struct_na_base_pair.j_symmetry 
_ndb_struct_na_base_pair.shear 
_ndb_struct_na_base_pair.stretch 
_ndb_struct_na_base_pair.stagger 
_ndb_struct_na_base_pair.buckle 
_ndb_struct_na_base_pair.propeller 
_ndb_struct_na_base_pair.opening 
_ndb_struct_na_base_pair.pair_number 
_ndb_struct_na_base_pair.pair_name 
_ndb_struct_na_base_pair.i_auth_asym_id 
_ndb_struct_na_base_pair.i_auth_seq_id 
_ndb_struct_na_base_pair.i_PDB_ins_code 
_ndb_struct_na_base_pair.j_auth_asym_id 
_ndb_struct_na_base_pair.j_auth_seq_id 
_ndb_struct_na_base_pair.j_PDB_ins_code 
_ndb_struct_na_base_pair.hbond_type_28 
_ndb_struct_na_base_pair.hbond_type_12 
1 A DC 1  1_555 B DG 14 1_555 0.214  -0.033 -0.226 -8.233  6.580   1.097  1  AAA_DC1:DG14_BBB AAA 1  ? BBB 14 ? 19 1 
1 A DC 2  1_555 B DG 13 1_555 0.107  -0.133 0.036  1.412   1.357   -1.149 2  AAA_DC2:DG13_BBB AAA 2  ? BBB 13 ? 19 1 
1 A DG 3  1_555 B DC 12 1_555 -0.242 -0.138 -0.153 1.828   0.414   -2.165 3  AAA_DG3:DC12_BBB AAA 3  ? BBB 12 ? 19 1 
1 A DG 4  1_555 B DC 11 1_555 -0.249 -0.134 -0.175 -4.857  -2.465  -0.794 4  AAA_DG4:DC11_BBB AAA 4  ? BBB 11 ? 19 1 
1 A DG 5  1_555 B DC 10 1_555 -0.170 -0.169 -0.228 -6.036  -11.604 -1.786 5  AAA_DG5:DC10_BBB AAA 5  ? BBB 10 ? 19 1 
1 A DG 6  1_555 B DC 9  1_555 -0.146 -0.067 -0.201 -11.203 -14.354 3.321  6  AAA_DG6:DC9_BBB  AAA 6  ? BBB 9  ? 19 1 
1 A DT 7  1_555 B DA 8  1_555 0.045  -0.070 0.136  1.423   0.146   4.111  7  AAA_DT7:DA8_BBB  AAA 7  ? BBB 8  ? 20 1 
1 A DA 8  1_555 B DT 7  1_555 0.108  -0.097 0.040  10.359  -6.308  0.142  8  AAA_DA8:DT7_BBB  AAA 8  ? BBB 7  ? 20 1 
1 A DC 9  1_555 B DG 6  1_555 0.299  -0.113 -0.364 14.243  -11.578 2.094  9  AAA_DC9:DG6_BBB  AAA 9  ? BBB 6  ? 19 1 
1 A DC 10 1_555 B DG 5  1_555 0.222  -0.181 0.114  -5.140  -7.979  -3.243 10 AAA_DC10:DG5_BBB AAA 10 ? BBB 5  ? 19 1 
1 A DC 11 1_555 B DG 4  1_555 0.135  -0.250 -0.083 2.774   -2.606  -1.955 11 AAA_DC11:DG4_BBB AAA 11 ? BBB 4  ? 19 1 
1 A DC 12 1_555 B DG 3  1_555 0.100  -0.084 -0.108 4.155   -1.647  -0.402 12 AAA_DC12:DG3_BBB AAA 12 ? BBB 3  ? 19 1 
1 A DG 13 1_555 B DC 2  1_555 -0.160 -0.163 -0.002 -0.666  -1.348  -0.839 13 AAA_DG13:DC2_BBB AAA 13 ? BBB 2  ? 19 1 
1 A DG 14 1_555 B DC 1  1_555 -0.241 -0.120 -0.200 -3.539  -0.874  0.292  14 AAA_DG14:DC1_BBB AAA 14 ? BBB 1  ? 19 1 
# 
loop_
_ndb_struct_na_base_pair_step.model_number 
_ndb_struct_na_base_pair_step.i_label_asym_id_1 
_ndb_struct_na_base_pair_step.i_label_comp_id_1 
_ndb_struct_na_base_pair_step.i_label_seq_id_1 
_ndb_struct_na_base_pair_step.i_symmetry_1 
_ndb_struct_na_base_pair_step.j_label_asym_id_1 
_ndb_struct_na_base_pair_step.j_label_comp_id_1 
_ndb_struct_na_base_pair_step.j_label_seq_id_1 
_ndb_struct_na_base_pair_step.j_symmetry_1 
_ndb_struct_na_base_pair_step.i_label_asym_id_2 
_ndb_struct_na_base_pair_step.i_label_comp_id_2 
_ndb_struct_na_base_pair_step.i_label_seq_id_2 
_ndb_struct_na_base_pair_step.i_symmetry_2 
_ndb_struct_na_base_pair_step.j_label_asym_id_2 
_ndb_struct_na_base_pair_step.j_label_comp_id_2 
_ndb_struct_na_base_pair_step.j_label_seq_id_2 
_ndb_struct_na_base_pair_step.j_symmetry_2 
_ndb_struct_na_base_pair_step.shift 
_ndb_struct_na_base_pair_step.slide 
_ndb_struct_na_base_pair_step.rise 
_ndb_struct_na_base_pair_step.tilt 
_ndb_struct_na_base_pair_step.roll 
_ndb_struct_na_base_pair_step.twist 
_ndb_struct_na_base_pair_step.x_displacement 
_ndb_struct_na_base_pair_step.y_displacement 
_ndb_struct_na_base_pair_step.helical_rise 
_ndb_struct_na_base_pair_step.inclination 
_ndb_struct_na_base_pair_step.tip 
_ndb_struct_na_base_pair_step.helical_twist 
_ndb_struct_na_base_pair_step.step_number 
_ndb_struct_na_base_pair_step.step_name 
_ndb_struct_na_base_pair_step.i_auth_asym_id_1 
_ndb_struct_na_base_pair_step.i_auth_seq_id_1 
_ndb_struct_na_base_pair_step.i_PDB_ins_code_1 
_ndb_struct_na_base_pair_step.j_auth_asym_id_1 
_ndb_struct_na_base_pair_step.j_auth_seq_id_1 
_ndb_struct_na_base_pair_step.j_PDB_ins_code_1 
_ndb_struct_na_base_pair_step.i_auth_asym_id_2 
_ndb_struct_na_base_pair_step.i_auth_seq_id_2 
_ndb_struct_na_base_pair_step.i_PDB_ins_code_2 
_ndb_struct_na_base_pair_step.j_auth_asym_id_2 
_ndb_struct_na_base_pair_step.j_auth_seq_id_2 
_ndb_struct_na_base_pair_step.j_PDB_ins_code_2 
1 A DC 1  1_555 B DG 14 1_555 A DC 2  1_555 B DG 13 1_555 -0.666 -2.035 3.284 -2.199 -2.706 26.265 -3.693 0.845  3.514 -5.922 
4.813  26.492 1  AAAAAA_DC1DC2:DG13DG14_BBBBBB AAA 1  ? BBB 14 ? AAA 2  ? BBB 13 ? 
1 A DC 2  1_555 B DG 13 1_555 A DG 3  1_555 B DC 12 1_555 0.409  -2.127 3.478 0.492  -2.720 26.594 -3.824 -0.744 3.680 -5.894 
-1.066 26.735 2  AAAAAA_DC2DG3:DC12DG13_BBBBBB AAA 2  ? BBB 13 ? AAA 3  ? BBB 12 ? 
1 A DG 3  1_555 B DC 12 1_555 A DG 4  1_555 B DC 11 1_555 -0.049 -2.121 3.559 -0.471 1.207  32.864 -3.968 0.001  3.482 2.132  
0.832  32.889 3  AAAAAA_DG3DG4:DC11DC12_BBBBBB AAA 3  ? BBB 12 ? AAA 4  ? BBB 11 ? 
1 A DG 4  1_555 B DC 11 1_555 A DG 5  1_555 B DC 10 1_555 -1.080 -2.099 3.325 -2.406 10.211 27.769 -6.084 1.644  2.496 20.378 
4.801  29.648 4  AAAAAA_DG4DG5:DC10DC11_BBBBBB AAA 4  ? BBB 11 ? AAA 5  ? BBB 10 ? 
1 A DG 5  1_555 B DC 10 1_555 A DG 6  1_555 B DC 9  1_555 1.033  -1.695 3.393 2.337  13.268 32.135 -4.762 -1.388 2.580 22.761 
-4.010 34.776 5  AAAAAA_DG5DG6:DC9DC10_BBBBBB  AAA 5  ? BBB 10 ? AAA 6  ? BBB 9  ? 
1 A DG 6  1_555 B DC 9  1_555 A DT 7  1_555 B DA 8  1_555 -0.257 -0.820 3.113 -0.918 10.743 32.092 -2.999 0.305  2.713 18.782 
1.605  33.809 6  AAAAAA_DG6DT7:DA8DC9_BBBBBB   AAA 6  ? BBB 9  ? AAA 7  ? BBB 8  ? 
1 A DT 7  1_555 B DA 8  1_555 A DA 8  1_555 B DT 7  1_555 -0.425 -1.027 3.012 -1.424 4.790  31.714 -2.632 0.538  2.846 8.697  
2.585  32.095 7  AAAAAA_DT7DA8:DT7DA8_BBBBBB   AAA 7  ? BBB 8  ? AAA 8  ? BBB 7  ? 
1 A DA 8  1_555 B DT 7  1_555 A DC 9  1_555 B DG 6  1_555 0.364  -1.120 3.272 0.074  4.110  29.092 -3.072 -0.701 3.089 8.131  
-0.146 29.375 8  AAAAAA_DA8DC9:DG6DT7_BBBBBB   AAA 8  ? BBB 7  ? AAA 9  ? BBB 6  ? 
1 A DC 9  1_555 B DG 6  1_555 A DC 10 1_555 B DG 5  1_555 -1.270 -1.054 3.760 -7.653 10.883 38.403 -2.913 0.853  3.527 15.971 
11.231 40.560 9  AAAAAA_DC9DC10:DG5DG6_BBBBBB  AAA 9  ? BBB 6  ? AAA 10 ? BBB 5  ? 
1 A DC 10 1_555 B DG 5  1_555 A DC 11 1_555 B DG 4  1_555 0.962  -1.911 3.149 4.239  4.495  25.427 -5.367 -1.048 2.894 10.024 
-9.453 26.154 10 AAAAAA_DC10DC11:DG4DG5_BBBBBB AAA 10 ? BBB 5  ? AAA 11 ? BBB 4  ? 
1 A DC 11 1_555 B DG 4  1_555 A DC 12 1_555 B DG 3  1_555 0.397  -2.203 3.323 0.853  0.649  30.949 -4.252 -0.578 3.286 1.217  
-1.598 30.967 11 AAAAAA_DC11DC12:DG3DG4_BBBBBB AAA 11 ? BBB 4  ? AAA 12 ? BBB 3  ? 
1 A DC 12 1_555 B DG 3  1_555 A DG 13 1_555 B DC 2  1_555 -0.111 -2.142 3.544 -1.289 -1.042 27.149 -4.268 -0.120 3.623 -2.216 
2.744  27.199 12 AAAAAA_DC12DG13:DC2DG3_BBBBBB AAA 12 ? BBB 3  ? AAA 13 ? BBB 2  ? 
1 A DG 13 1_555 B DC 2  1_555 A DG 14 1_555 B DC 1  1_555 0.653  -2.411 3.448 2.428  0.059  26.780 -5.202 -0.741 3.487 0.126  
-5.229 26.888 13 AAAAAA_DG13DG14:DC1DC2_BBBBBB AAA 13 ? BBB 2  ? AAA 14 ? BBB 1  ? 
# 
_pdbx_audit_support.funding_organization   'Bulgarian National Science Fund' 
_pdbx_audit_support.country                Bulgaria 
_pdbx_audit_support.grant_number           KP-06-M31/1 
_pdbx_audit_support.ordinal                1 
# 
_pdbx_entity_instance_feature.ordinal        1 
_pdbx_entity_instance_feature.comp_id        O89 
_pdbx_entity_instance_feature.asym_id        ? 
_pdbx_entity_instance_feature.seq_num        ? 
_pdbx_entity_instance_feature.auth_comp_id   O89 
_pdbx_entity_instance_feature.auth_asym_id   ? 
_pdbx_entity_instance_feature.auth_seq_num   ? 
_pdbx_entity_instance_feature.feature_type   'SUBJECT OF INVESTIGATION' 
_pdbx_entity_instance_feature.details        ? 
# 
_pdbx_initial_refinement_model.id               1 
_pdbx_initial_refinement_model.entity_id_list   ? 
_pdbx_initial_refinement_model.type             'experimental model' 
_pdbx_initial_refinement_model.source_name      PDB 
_pdbx_initial_refinement_model.accession_code   5WV7 
_pdbx_initial_refinement_model.details          ? 
# 
_atom_sites.entry_id                    8ASH 
_atom_sites.Cartn_transf_matrix[1][1]   ? 
_atom_sites.Cartn_transf_matrix[1][2]   ? 
_atom_sites.Cartn_transf_matrix[1][3]   ? 
_atom_sites.Cartn_transf_matrix[2][1]   ? 
_atom_sites.Cartn_transf_matrix[2][2]   ? 
_atom_sites.Cartn_transf_matrix[2][3]   ? 
_atom_sites.Cartn_transf_matrix[3][1]   ? 
_atom_sites.Cartn_transf_matrix[3][2]   ? 
_atom_sites.Cartn_transf_matrix[3][3]   ? 
_atom_sites.Cartn_transf_vector[1]      ? 
_atom_sites.Cartn_transf_vector[2]      ? 
_atom_sites.Cartn_transf_vector[3]      ? 
_atom_sites.fract_transf_matrix[1][1]   0.00408069 
_atom_sites.fract_transf_matrix[1][2]   -0.01552901 
_atom_sites.fract_transf_matrix[1][3]   0.01776538 
_atom_sites.fract_transf_matrix[2][1]   0.00694410 
_atom_sites.fract_transf_matrix[2][2]   0.01802103 
_atom_sites.fract_transf_matrix[2][3]   0.01415743 
_atom_sites.fract_transf_matrix[3][1]   -0.01058605 
_atom_sites.fract_transf_matrix[3][2]   0.00128586 
_atom_sites.fract_transf_matrix[3][3]   0.00355559 
_atom_sites.fract_transf_vector[1]      0.185448 
_atom_sites.fract_transf_vector[2]      -0.281856 
_atom_sites.fract_transf_vector[3]      0.007668 
_atom_sites.solution_primary            ? 
_atom_sites.solution_secondary          ? 
_atom_sites.solution_hydrogens          ? 
_atom_sites.special_details             ? 
# 
loop_
_atom_type.symbol 
_atom_type.pdbx_scat_Z 
_atom_type.pdbx_N_electrons 
_atom_type.scat_Cromer_Mann_a1 
_atom_type.scat_Cromer_Mann_b1 
_atom_type.scat_Cromer_Mann_a2 
_atom_type.scat_Cromer_Mann_b2 
_atom_type.scat_Cromer_Mann_a3 
_atom_type.scat_Cromer_Mann_b3 
_atom_type.scat_Cromer_Mann_a4 
_atom_type.scat_Cromer_Mann_b4 
_atom_type.scat_Cromer_Mann_c 
C 6  6  2.310  20.844 1.020 10.208 1.589 0.569  0.865 51.651 0.216   
H 1  1  0.493  10.511 0.323 26.126 0.140 3.142  0.041 57.800 0.003   
N 7  7  12.222 0.006  3.135 9.893  2.014 28.997 1.167 0.583  -11.538 
O 8  8  3.049  13.277 2.287 5.701  1.546 0.324  0.867 32.909 0.251   
P 15 15 6.435  1.907  4.179 27.157 1.780 0.526  1.491 68.164 1.273   
S 16 16 6.905  1.468  5.203 22.215 1.438 0.254  1.586 56.172 1.056   
# 
loop_
_atom_site.group_PDB 
_atom_site.id 
_atom_site.type_symbol 
_atom_site.label_atom_id 
_atom_site.label_alt_id 
_atom_site.label_comp_id 
_atom_site.label_asym_id 
_atom_site.label_entity_id 
_atom_site.label_seq_id 
_atom_site.pdbx_PDB_ins_code 
_atom_site.Cartn_x 
_atom_site.Cartn_y 
_atom_site.Cartn_z 
_atom_site.occupancy 
_atom_site.B_iso_or_equiv 
_atom_site.pdbx_formal_charge 
_atom_site.auth_seq_id 
_atom_site.auth_comp_id 
_atom_site.auth_asym_id 
_atom_site.auth_atom_id 
_atom_site.pdbx_PDB_model_num 
_atom_site.calc_flag 
ATOM   1   O "O5'" . DC  A 1 1  ? -10.665 -18.675 3.811   1.000 48.477  ? 1   DC  AAA "O5'" 1 ? 
ATOM   2   C "C5'" . DC  A 1 1  ? -10.271 -17.327 3.609   1.000 51.927  ? 1   DC  AAA "C5'" 1 ? 
ATOM   3   C "C4'" . DC  A 1 1  ? -10.949 -16.836 2.358   1.000 45.799  ? 1   DC  AAA "C4'" 1 ? 
ATOM   4   O "O4'" . DC  A 1 1  ? -12.368 -16.707 2.566   1.000 46.385  ? 1   DC  AAA "O4'" 1 ? 
ATOM   5   C "C3'" . DC  A 1 1  ? -10.493 -15.481 1.845   1.000 45.600  ? 1   DC  AAA "C3'" 1 ? 
ATOM   6   O "O3'" . DC  A 1 1  ? -9.320  -15.627 1.066   1.000 44.683  ? 1   DC  AAA "O3'" 1 ? 
ATOM   7   C "C2'" . DC  A 1 1  ? -11.690 -15.052 1.047   1.000 47.008  ? 1   DC  AAA "C2'" 1 ? 
ATOM   8   C "C1'" . DC  A 1 1  ? -12.822 -15.523 1.919   1.000 44.558  ? 1   DC  AAA "C1'" 1 ? 
ATOM   9   N N1    . DC  A 1 1  ? -13.291 -14.566 2.948   1.000 43.871  ? 1   DC  AAA N1    1 ? 
ATOM   10  C C2    . DC  A 1 1  ? -13.973 -13.419 2.534   1.000 45.115  ? 1   DC  AAA C2    1 ? 
ATOM   11  O O2    . DC  A 1 1  ? -14.122 -13.224 1.327   1.000 43.072  ? 1   DC  AAA O2    1 ? 
ATOM   12  N N3    . DC  A 1 1  ? -14.424 -12.544 3.465   1.000 45.078  ? 1   DC  AAA N3    1 ? 
ATOM   13  C C4    . DC  A 1 1  ? -14.193 -12.779 4.760   1.000 42.627  ? 1   DC  AAA C4    1 ? 
ATOM   14  N N4    . DC  A 1 1  ? -14.646 -11.908 5.637   1.000 44.595  ? 1   DC  AAA N4    1 ? 
ATOM   15  C C5    . DC  A 1 1  ? -13.522 -13.951 5.206   1.000 45.348  ? 1   DC  AAA C5    1 ? 
ATOM   16  C C6    . DC  A 1 1  ? -13.088 -14.806 4.280   1.000 44.501  ? 1   DC  AAA C6    1 ? 
ATOM   17  P P     . DC  A 1 2  ? -8.323  -14.363 0.833   1.000 45.538  ? 2   DC  AAA P     1 ? 
ATOM   18  O OP1   . DC  A 1 2  ? -7.165  -14.842 0.035   1.000 44.349  ? 2   DC  AAA OP1   1 ? 
ATOM   19  O OP2   . DC  A 1 2  ? -8.157  -13.627 2.109   1.000 44.981  ? 2   DC  AAA OP2   1 ? 
ATOM   20  O "O5'" . DC  A 1 2  ? -9.194  -13.390 -0.087  1.000 45.571  ? 2   DC  AAA "O5'" 1 ? 
ATOM   21  C "C5'" . DC  A 1 2  ? -9.580  -13.769 -1.417  1.000 44.721  ? 2   DC  AAA "C5'" 1 ? 
ATOM   22  C "C4'" . DC  A 1 2  ? -10.436 -12.704 -2.059  1.000 41.986  ? 2   DC  AAA "C4'" 1 ? 
ATOM   23  O "O4'" . DC  A 1 2  ? -11.673 -12.526 -1.349  1.000 39.814  ? 2   DC  AAA "O4'" 1 ? 
ATOM   24  C "C3'" . DC  A 1 2  ? -9.828  -11.317 -2.074  1.000 40.751  ? 2   DC  AAA "C3'" 1 ? 
ATOM   25  O "O3'" . DC  A 1 2  ? -8.850  -11.192 -3.074  1.000 43.504  ? 2   DC  AAA "O3'" 1 ? 
ATOM   26  C "C2'" . DC  A 1 2  ? -11.049 -10.456 -2.320  1.000 43.007  ? 2   DC  AAA "C2'" 1 ? 
ATOM   27  C "C1'" . DC  A 1 2  ? -12.028 -11.138 -1.416  1.000 41.457  ? 2   DC  AAA "C1'" 1 ? 
ATOM   28  N N1    . DC  A 1 2  ? -12.111 -10.585 -0.039  1.000 39.050  ? 2   DC  AAA N1    1 ? 
ATOM   29  C C2    . DC  A 1 2  ? -12.812 -9.394  0.151   1.000 39.366  ? 2   DC  AAA C2    1 ? 
ATOM   30  O O2    . DC  A 1 2  ? -13.326 -8.848  -0.828  1.000 37.656  ? 2   DC  AAA O2    1 ? 
ATOM   31  N N3    . DC  A 1 2  ? -12.908 -8.872  1.401   1.000 36.474  ? 2   DC  AAA N3    1 ? 
ATOM   32  C C4    . DC  A 1 2  ? -12.321 -9.501  2.426   1.000 38.216  ? 2   DC  AAA C4    1 ? 
ATOM   33  N N4    . DC  A 1 2  ? -12.454 -8.988  3.634   1.000 39.579  ? 2   DC  AAA N4    1 ? 
ATOM   34  C C5    . DC  A 1 2  ? -11.621 -10.722 2.257   1.000 39.471  ? 2   DC  AAA C5    1 ? 
ATOM   35  C C6    . DC  A 1 2  ? -11.533 -11.221 1.022   1.000 40.769  ? 2   DC  AAA C6    1 ? 
ATOM   36  P P     . DG  A 1 3  ? -7.768  -10.052 -3.048  1.000 47.045  ? 3   DG  AAA P     1 ? 
ATOM   37  O OP1   . DG  A 1 3  ? -7.031  -10.175 -4.321  1.000 47.636  ? 3   DG  AAA OP1   1 ? 
ATOM   38  O OP2   . DG  A 1 3  ? -7.104  -10.087 -1.730  1.000 45.375  ? 3   DG  AAA OP2   1 ? 
ATOM   39  O "O5'" . DG  A 1 3  ? -8.635  -8.705  -2.991  1.000 45.040  ? 3   DG  AAA "O5'" 1 ? 
ATOM   40  C "C5'" . DG  A 1 3  ? -8.907  -8.009  -4.180  1.000 42.552  ? 3   DG  AAA "C5'" 1 ? 
ATOM   41  C "C4'" . DG  A 1 3  ? -9.950  -6.954  -3.942  1.000 39.706  ? 3   DG  AAA "C4'" 1 ? 
ATOM   42  O "O4'" . DG  A 1 3  ? -10.911 -7.303  -2.917  1.000 39.904  ? 3   DG  AAA "O4'" 1 ? 
ATOM   43  C "C3'" . DG  A 1 3  ? -9.413  -5.603  -3.499  1.000 39.540  ? 3   DG  AAA "C3'" 1 ? 
ATOM   44  O "O3'" . DG  A 1 3  ? -8.784  -4.893  -4.554  1.000 40.339  ? 3   DG  AAA "O3'" 1 ? 
ATOM   45  C "C2'" . DG  A 1 3  ? -10.693 -4.947  -3.054  1.000 41.051  ? 3   DG  AAA "C2'" 1 ? 
ATOM   46  C "C1'" . DG  A 1 3  ? -11.342 -6.080  -2.311  1.000 36.895  ? 3   DG  AAA "C1'" 1 ? 
ATOM   47  N N9    . DG  A 1 3  ? -11.050 -6.130  -0.892  1.000 37.929  ? 3   DG  AAA N9    1 ? 
ATOM   48  C C8    . DG  A 1 3  ? -10.257 -7.029  -0.212  1.000 38.185  ? 3   DG  AAA C8    1 ? 
ATOM   49  N N7    . DG  A 1 3  ? -10.177 -6.777  1.066   1.000 36.352  ? 3   DG  AAA N7    1 ? 
ATOM   50  C C5    . DG  A 1 3  ? -10.899 -5.596  1.229   1.000 37.133  ? 3   DG  AAA C5    1 ? 
ATOM   51  C C6    . DG  A 1 3  ? -11.137 -4.814  2.386   1.000 39.101  ? 3   DG  AAA C6    1 ? 
ATOM   52  O O6    . DG  A 1 3  ? -10.762 -5.011  3.546   1.000 36.789  ? 3   DG  AAA O6    1 ? 
ATOM   53  N N1    . DG  A 1 3  ? -11.930 -3.715  2.103   1.000 37.100  ? 3   DG  AAA N1    1 ? 
ATOM   54  C C2    . DG  A 1 3  ? -12.418 -3.381  0.876   1.000 36.433  ? 3   DG  AAA C2    1 ? 
ATOM   55  N N2    . DG  A 1 3  ? -13.161 -2.275  0.843   1.000 37.135  ? 3   DG  AAA N2    1 ? 
ATOM   56  N N3    . DG  A 1 3  ? -12.224 -4.104  -0.217  1.000 37.740  ? 3   DG  AAA N3    1 ? 
ATOM   57  C C4    . DG  A 1 3  ? -11.446 -5.185  0.029   1.000 37.533  ? 3   DG  AAA C4    1 ? 
ATOM   58  P P     . DG  A 1 4  ? -7.706  -3.695  -4.298  1.000 41.677  ? 4   DG  AAA P     1 ? 
ATOM   59  O OP1   . DG  A 1 4  ? -7.117  -3.330  -5.603  1.000 40.465  ? 4   DG  AAA OP1   1 ? 
ATOM   60  O OP2   . DG  A 1 4  ? -6.801  -4.104  -3.212  1.000 41.846  ? 4   DG  AAA OP2   1 ? 
ATOM   61  O "O5'" . DG  A 1 4  ? -8.558  -2.488  -3.729  1.000 40.829  ? 4   DG  AAA "O5'" 1 ? 
ATOM   62  C "C5'" . DG  A 1 4  ? -9.524  -1.827  -4.507  1.000 41.491  ? 4   DG  AAA "C5'" 1 ? 
ATOM   63  C "C4'" . DG  A 1 4  ? -10.202 -0.770  -3.687  1.000 38.227  ? 4   DG  AAA "C4'" 1 ? 
ATOM   64  O "O4'" . DG  A 1 4  ? -10.940 -1.348  -2.607  1.000 38.500  ? 4   DG  AAA "O4'" 1 ? 
ATOM   65  C "C3'" . DG  A 1 4  ? -9.313  0.272   -3.014  1.000 38.959  ? 4   DG  AAA "C3'" 1 ? 
ATOM   66  O "O3'" . DG  A 1 4  ? -8.925  1.250   -3.945  1.000 39.285  ? 4   DG  AAA "O3'" 1 ? 
ATOM   67  C "C2'" . DG  A 1 4  ? -10.224 0.791   -1.938  1.000 39.844  ? 4   DG  AAA "C2'" 1 ? 
ATOM   68  C "C1'" . DG  A 1 4  ? -10.889 -0.462  -1.477  1.000 38.198  ? 4   DG  AAA "C1'" 1 ? 
ATOM   69  N N9    . DG  A 1 4  ? -10.152 -1.123  -0.411  1.000 36.044  ? 4   DG  AAA N9    1 ? 
ATOM   70  C C8    . DG  A 1 4  ? -9.444  -2.294  -0.479  1.000 36.174  ? 4   DG  AAA C8    1 ? 
ATOM   71  N N7    . DG  A 1 4  ? -8.897  -2.634  0.652   1.000 35.880  ? 4   DG  AAA N7    1 ? 
ATOM   72  C C5    . DG  A 1 4  ? -9.242  -1.602  1.516   1.000 34.598  ? 4   DG  AAA C5    1 ? 
ATOM   73  C C6    . DG  A 1 4  ? -8.983  -1.436  2.889   1.000 35.987  ? 4   DG  AAA C6    1 ? 
ATOM   74  O O6    . DG  A 1 4  ? -8.291  -2.138  3.635   1.000 34.428  ? 4   DG  AAA O6    1 ? 
ATOM   75  N N1    . DG  A 1 4  ? -9.555  -0.265  3.374   1.000 35.703  ? 4   DG  AAA N1    1 ? 
ATOM   76  C C2    . DG  A 1 4  ? -10.328 0.598   2.653   1.000 35.695  ? 4   DG  AAA C2    1 ? 
ATOM   77  N N2    . DG  A 1 4  ? -10.790 1.667   3.316   1.000 36.877  ? 4   DG  AAA N2    1 ? 
ATOM   78  N N3    . DG  A 1 4  ? -10.593 0.450   1.371   1.000 37.031  ? 4   DG  AAA N3    1 ? 
ATOM   79  C C4    . DG  A 1 4  ? -10.060 -0.688  0.881   1.000 36.703  ? 4   DG  AAA C4    1 ? 
ATOM   80  P P     . DG  A 1 5  ? -7.620  2.182   -3.705  1.000 39.596  ? 5   DG  AAA P     1 ? 
ATOM   81  O OP1   . DG  A 1 5  ? -7.473  3.033   -4.929  1.000 39.597  ? 5   DG  AAA OP1   1 ? 
ATOM   82  O OP2   . DG  A 1 5  ? -6.465  1.346   -3.314  1.000 39.263  ? 5   DG  AAA OP2   1 ? 
ATOM   83  O "O5'" . DG  A 1 5  ? -8.015  3.087   -2.462  1.000 39.820  ? 5   DG  AAA "O5'" 1 ? 
ATOM   84  C "C5'" . DG  A 1 5  ? -8.832  4.239   -2.616  1.000 40.180  ? 5   DG  AAA "C5'" 1 ? 
ATOM   85  C "C4'" . DG  A 1 5  ? -8.924  4.995   -1.323  1.000 37.837  ? 5   DG  AAA "C4'" 1 ? 
ATOM   86  O "O4'" . DG  A 1 5  ? -9.519  4.181   -0.300  1.000 35.734  ? 5   DG  AAA "O4'" 1 ? 
ATOM   87  C "C3'" . DG  A 1 5  ? -7.619  5.441   -0.697  1.000 37.097  ? 5   DG  AAA "C3'" 1 ? 
ATOM   88  O "O3'" . DG  A 1 5  ? -7.102  6.550   -1.372  1.000 38.236  ? 5   DG  AAA "O3'" 1 ? 
ATOM   89  C "C2'" . DG  A 1 5  ? -8.078  5.730   0.707   1.000 36.553  ? 5   DG  AAA "C2'" 1 ? 
ATOM   90  C "C1'" . DG  A 1 5  ? -8.984  4.571   0.945   1.000 36.690  ? 5   DG  AAA "C1'" 1 ? 
ATOM   91  N N9    . DG  A 1 5  ? -8.277  3.442   1.494   1.000 35.960  ? 5   DG  AAA N9    1 ? 
ATOM   92  C C8    . DG  A 1 5  ? -7.860  2.306   0.838   1.000 35.216  ? 5   DG  AAA C8    1 ? 
ATOM   93  N N7    . DG  A 1 5  ? -7.195  1.486   1.607   1.000 35.014  ? 5   DG  AAA N7    1 ? 
ATOM   94  C C5    . DG  A 1 5  ? -7.184  2.115   2.850   1.000 33.581  ? 5   DG  AAA C5    1 ? 
ATOM   95  C C6    . DG  A 1 5  ? -6.586  1.727   4.056   1.000 34.098  ? 5   DG  AAA C6    1 ? 
ATOM   96  O O6    . DG  A 1 5  ? -5.999  0.673   4.323   1.000 32.726  ? 5   DG  AAA O6    1 ? 
ATOM   97  N N1    . DG  A 1 5  ? -6.751  2.682   5.037   1.000 33.495  ? 5   DG  AAA N1    1 ? 
ATOM   98  C C2    . DG  A 1 5  ? -7.410  3.860   4.895   1.000 33.666  ? 5   DG  AAA C2    1 ? 
ATOM   99  N N2    . DG  A 1 5  ? -7.447  4.613   5.976   1.000 34.313  ? 5   DG  AAA N2    1 ? 
ATOM   100 N N3    . DG  A 1 5  ? -7.980  4.258   3.767   1.000 35.583  ? 5   DG  AAA N3    1 ? 
ATOM   101 C C4    . DG  A 1 5  ? -7.816  3.340   2.785   1.000 35.745  ? 5   DG  AAA C4    1 ? 
ATOM   102 P P     . DG  A 1 6  ? -5.536  6.748   -1.582  1.000 40.361  ? 6   DG  AAA P     1 ? 
ATOM   103 O OP1   . DG  A 1 6  ? -5.386  8.006   -2.369  1.000 42.026  ? 6   DG  AAA OP1   1 ? 
ATOM   104 O OP2   . DG  A 1 6  ? -4.885  5.508   -2.033  1.000 39.249  ? 6   DG  AAA OP2   1 ? 
ATOM   105 O "O5'" . DG  A 1 6  ? -4.992  6.960   -0.111  1.000 40.262  ? 6   DG  AAA "O5'" 1 ? 
ATOM   106 C "C5'" . DG  A 1 6  ? -5.326  8.138   0.614   1.000 38.476  ? 6   DG  AAA "C5'" 1 ? 
ATOM   107 C "C4'" . DG  A 1 6  ? -4.910  7.992   2.041   1.000 36.786  ? 6   DG  AAA "C4'" 1 ? 
ATOM   108 O "O4'" . DG  A 1 6  ? -5.469  6.806   2.630   1.000 36.149  ? 6   DG  AAA "O4'" 1 ? 
ATOM   109 C "C3'" . DG  A 1 6  ? -3.428  7.895   2.310   1.000 35.558  ? 6   DG  AAA "C3'" 1 ? 
ATOM   110 O "O3'" . DG  A 1 6  ? -2.799  9.163   2.281   1.000 36.951  ? 6   DG  AAA "O3'" 1 ? 
ATOM   111 C "C2'" . DG  A 1 6  ? -3.396  7.264   3.681   1.000 35.810  ? 6   DG  AAA "C2'" 1 ? 
ATOM   112 C "C1'" . DG  A 1 6  ? -4.571  6.359   3.628   1.000 36.288  ? 6   DG  AAA "C1'" 1 ? 
ATOM   113 N N9    . DG  A 1 6  ? -4.232  4.978   3.370   1.000 33.615  ? 6   DG  AAA N9    1 ? 
ATOM   114 C C8    . DG  A 1 6  ? -4.354  4.262   2.208   1.000 33.814  ? 6   DG  AAA C8    1 ? 
ATOM   115 N N7    . DG  A 1 6  ? -3.961  3.024   2.322   1.000 34.877  ? 6   DG  AAA N7    1 ? 
ATOM   116 C C5    . DG  A 1 6  ? -3.514  2.927   3.632   1.000 31.712  ? 6   DG  AAA C5    1 ? 
ATOM   117 C C6    . DG  A 1 6  ? -2.964  1.835   4.342   1.000 33.653  ? 6   DG  AAA C6    1 ? 
ATOM   118 O O6    . DG  A 1 6  ? -2.734  0.678   3.941   1.000 32.966  ? 6   DG  AAA O6    1 ? 
ATOM   119 N N1    . DG  A 1 6  ? -2.650  2.187   5.651   1.000 33.262  ? 6   DG  AAA N1    1 ? 
ATOM   120 C C2    . DG  A 1 6  ? -2.840  3.424   6.207   1.000 33.037  ? 6   DG  AAA C2    1 ? 
ATOM   121 N N2    . DG  A 1 6  ? -2.467  3.559   7.470   1.000 33.769  ? 6   DG  AAA N2    1 ? 
ATOM   122 N N3    . DG  A 1 6  ? -3.365  4.446   5.565   1.000 33.968  ? 6   DG  AAA N3    1 ? 
ATOM   123 C C4    . DG  A 1 6  ? -3.696  4.127   4.298   1.000 35.381  ? 6   DG  AAA C4    1 ? 
ATOM   124 P P     . DT  A 1 7  ? -1.261  9.341   1.933   1.000 37.052  ? 7   DT  AAA P     1 ? 
ATOM   125 O OP1   . DT  A 1 7  ? -0.973  10.786  1.780   1.000 39.652  ? 7   DT  AAA OP1   1 ? 
ATOM   126 O OP2   . DT  A 1 7  ? -0.910  8.350   0.901   1.000 37.009  ? 7   DT  AAA OP2   1 ? 
ATOM   127 O "O5'" . DT  A 1 7  ? -0.486  8.887   3.263   1.000 36.359  ? 7   DT  AAA "O5'" 1 ? 
ATOM   128 C "C5'" . DT  A 1 7  ? -0.717  9.534   4.508   1.000 36.964  ? 7   DT  AAA "C5'" 1 ? 
ATOM   129 C "C4'" . DT  A 1 7  ? 0.185   8.983   5.565   1.000 35.695  ? 7   DT  AAA "C4'" 1 ? 
ATOM   130 O "O4'" . DT  A 1 7  ? -0.061  7.562   5.699   1.000 34.267  ? 7   DT  AAA "O4'" 1 ? 
ATOM   131 C "C3'" . DT  A 1 7  ? 1.661   9.147   5.274   1.000 35.713  ? 7   DT  AAA "C3'" 1 ? 
ATOM   132 O "O3'" . DT  A 1 7  ? 2.404   9.485   6.420   1.000 36.755  ? 7   DT  AAA "O3'" 1 ? 
ATOM   133 C "C2'" . DT  A 1 7  ? 2.049   7.801   4.748   1.000 36.887  ? 7   DT  AAA "C2'" 1 ? 
ATOM   134 C "C1'" . DT  A 1 7  ? 1.111   6.859   5.480   1.000 33.729  ? 7   DT  AAA "C1'" 1 ? 
ATOM   135 N N1    . DT  A 1 7  ? 0.770   5.617   4.751   1.000 34.363  ? 7   DT  AAA N1    1 ? 
ATOM   136 C C2    . DT  A 1 7  ? 1.070   4.381   5.290   1.000 36.615  ? 7   DT  AAA C2    1 ? 
ATOM   137 O O2    . DT  A 1 7  ? 1.617   4.234   6.364   1.000 36.620  ? 7   DT  AAA O2    1 ? 
ATOM   138 N N3    . DT  A 1 7  ? 0.650   3.315   4.526   1.000 32.814  ? 7   DT  AAA N3    1 ? 
ATOM   139 C C4    . DT  A 1 7  ? 0.077   3.353   3.271   1.000 35.483  ? 7   DT  AAA C4    1 ? 
ATOM   140 O O4    . DT  A 1 7  ? -0.215  2.306   2.692   1.000 34.099  ? 7   DT  AAA O4    1 ? 
ATOM   141 C C5    . DT  A 1 7  ? -0.196  4.670   2.773   1.000 31.545  ? 7   DT  AAA C5    1 ? 
ATOM   142 C C7    . DT  A 1 7  ? -0.901  4.826   1.471   1.000 34.683  ? 7   DT  AAA C7    1 ? 
ATOM   143 C C6    . DT  A 1 7  ? 0.137   5.717   3.541   1.000 34.702  ? 7   DT  AAA C6    1 ? 
ATOM   144 P P     . DA  A 1 8  ? 3.949   9.768   6.315   1.000 38.661  ? 8   DA  AAA P     1 ? 
ATOM   145 O OP1   . DA  A 1 8  ? 4.254   10.740  7.417   1.000 38.529  ? 8   DA  AAA OP1   1 ? 
ATOM   146 O OP2   . DA  A 1 8  ? 4.325   10.063  4.941   1.000 39.931  ? 8   DA  AAA OP2   1 ? 
ATOM   147 O "O5'" . DA  A 1 8  ? 4.652   8.392   6.707   1.000 37.586  ? 8   DA  AAA "O5'" 1 ? 
ATOM   148 C "C5'" . DA  A 1 8  ? 4.560   7.908   8.042   1.000 38.950  ? 8   DA  AAA "C5'" 1 ? 
ATOM   149 C "C4'" . DA  A 1 8  ? 5.365   6.654   8.174   1.000 37.134  ? 8   DA  AAA "C4'" 1 ? 
ATOM   150 O "O4'" . DA  A 1 8  ? 4.713   5.621   7.444   1.000 36.625  ? 8   DA  AAA "O4'" 1 ? 
ATOM   151 C "C3'" . DA  A 1 8  ? 6.792   6.730   7.646   1.000 37.630  ? 8   DA  AAA "C3'" 1 ? 
ATOM   152 O "O3'" . DA  A 1 8  ? 7.696   6.336   8.652   1.000 39.986  ? 8   DA  AAA "O3'" 1 ? 
ATOM   153 C "C2'" . DA  A 1 8  ? 6.776   5.847   6.417   1.000 37.746  ? 8   DA  AAA "C2'" 1 ? 
ATOM   154 C "C1'" . DA  A 1 8  ? 5.674   4.882   6.731   1.000 36.738  ? 8   DA  AAA "C1'" 1 ? 
ATOM   155 N N9    . DA  A 1 8  ? 5.009   4.243   5.603   1.000 35.594  ? 8   DA  AAA N9    1 ? 
ATOM   156 C C8    . DA  A 1 8  ? 4.434   4.869   4.523   1.000 34.935  ? 8   DA  AAA C8    1 ? 
ATOM   157 N N7    . DA  A 1 8  ? 3.900   4.047   3.656   1.000 34.976  ? 8   DA  AAA N7    1 ? 
ATOM   158 C C5    . DA  A 1 8  ? 4.108   2.792   4.218   1.000 32.479  ? 8   DA  AAA C5    1 ? 
ATOM   159 C C6    . DA  A 1 8  ? 3.801   1.505   3.771   1.000 33.661  ? 8   DA  AAA C6    1 ? 
ATOM   160 N N6    . DA  A 1 8  ? 3.126   1.271   2.668   1.000 34.229  ? 8   DA  AAA N6    1 ? 
ATOM   161 N N1    . DA  A 1 8  ? 4.160   0.459   4.547   1.000 32.649  ? 8   DA  AAA N1    1 ? 
ATOM   162 C C2    . DA  A 1 8  ? 4.816   0.713   5.689   1.000 34.519  ? 8   DA  AAA C2    1 ? 
ATOM   163 N N3    . DA  A 1 8  ? 5.192   1.882   6.206   1.000 35.253  ? 8   DA  AAA N3    1 ? 
ATOM   164 C C4    . DA  A 1 8  ? 4.797   2.898   5.413   1.000 35.384  ? 8   DA  AAA C4    1 ? 
ATOM   165 P P     . DC  A 1 9  ? 9.226   6.489   8.478   1.000 41.103  ? 9   DC  AAA P     1 ? 
ATOM   166 O OP1   . DC  A 1 9  ? 9.826   6.498   9.825   1.000 40.802  ? 9   DC  AAA OP1   1 ? 
ATOM   167 O OP2   . DC  A 1 9  ? 9.572   7.524   7.479   1.000 41.510  ? 9   DC  AAA OP2   1 ? 
ATOM   168 O "O5'" . DC  A 1 9  ? 9.688   5.119   7.802   1.000 40.125  ? 9   DC  AAA "O5'" 1 ? 
ATOM   169 C "C5'" . DC  A 1 9  ? 9.592   3.923   8.542   1.000 40.545  ? 9   DC  AAA "C5'" 1 ? 
ATOM   170 C "C4'" . DC  A 1 9  ? 9.836   2.733   7.669   1.000 39.178  ? 9   DC  AAA "C4'" 1 ? 
ATOM   171 O "O4'" . DC  A 1 9  ? 8.741   2.631   6.735   1.000 39.699  ? 9   DC  AAA "O4'" 1 ? 
ATOM   172 C "C3'" . DC  A 1 9  ? 11.107  2.819   6.835   1.000 39.266  ? 9   DC  AAA "C3'" 1 ? 
ATOM   173 O "O3'" . DC  A 1 9  ? 12.033  1.813   7.225   1.000 39.690  ? 9   DC  AAA "O3'" 1 ? 
ATOM   174 C "C2'" . DC  A 1 9  ? 10.597  2.632   5.417   1.000 41.585  ? 9   DC  AAA "C2'" 1 ? 
ATOM   175 C "C1'" . DC  A 1 9  ? 9.264   1.967   5.646   1.000 39.487  ? 9   DC  AAA "C1'" 1 ? 
ATOM   176 N N1    . DC  A 1 9  ? 8.327   2.074   4.523   1.000 37.229  ? 9   DC  AAA N1    1 ? 
ATOM   177 C C2    . DC  A 1 9  ? 7.816   0.903   3.971   1.000 36.982  ? 9   DC  AAA C2    1 ? 
ATOM   178 O O2    . DC  A 1 9  ? 8.075   -0.180  4.530   1.000 36.518  ? 9   DC  AAA O2    1 ? 
ATOM   179 N N3    . DC  A 1 9  ? 7.036   0.981   2.860   1.000 35.659  ? 9   DC  AAA N3    1 ? 
ATOM   180 C C4    . DC  A 1 9  ? 6.777   2.178   2.312   1.000 35.958  ? 9   DC  AAA C4    1 ? 
ATOM   181 N N4    . DC  A 1 9  ? 6.010   2.229   1.236   1.000 35.466  ? 9   DC  AAA N4    1 ? 
ATOM   182 C C5    . DC  A 1 9  ? 7.295   3.381   2.859   1.000 34.573  ? 9   DC  AAA C5    1 ? 
ATOM   183 C C6    . DC  A 1 9  ? 8.064   3.288   3.946   1.000 36.890  ? 9   DC  AAA C6    1 ? 
ATOM   184 P P     . DC  A 1 10 ? 13.528  1.775   6.699   1.000 41.114  ? 10  DC  AAA P     1 ? 
ATOM   185 O OP1   . DC  A 1 10 ? 14.415  1.630   7.881   1.000 42.072  ? 10  DC  AAA OP1   1 ? 
ATOM   186 O OP2   . DC  A 1 10 ? 13.776  2.854   5.713   1.000 40.700  ? 10  DC  AAA OP2   1 ? 
ATOM   187 O "O5'" . DC  A 1 10 ? 13.590  0.435   5.834   1.000 39.803  ? 10  DC  AAA "O5'" 1 ? 
ATOM   188 C "C5'" . DC  A 1 10 ? 13.849  -0.812  6.508   1.000 40.669  ? 10  DC  AAA "C5'" 1 ? 
ATOM   189 C "C4'" . DC  A 1 10 ? 13.782  -1.961  5.549   1.000 37.448  ? 10  DC  AAA "C4'" 1 ? 
ATOM   190 O "O4'" . DC  A 1 10 ? 12.431  -2.137  5.105   1.000 37.144  ? 10  DC  AAA "O4'" 1 ? 
ATOM   191 C "C3'" . DC  A 1 10 ? 14.564  -1.743  4.276   1.000 37.326  ? 10  DC  AAA "C3'" 1 ? 
ATOM   192 O "O3'" . DC  A 1 10 ? 15.941  -1.988  4.457   1.000 39.296  ? 10  DC  AAA "O3'" 1 ? 
ATOM   193 C "C2'" . DC  A 1 10 ? 13.885  -2.699  3.334   1.000 38.328  ? 10  DC  AAA "C2'" 1 ? 
ATOM   194 C "C1'" . DC  A 1 10 ? 12.462  -2.568  3.738   1.000 37.180  ? 10  DC  AAA "C1'" 1 ? 
ATOM   195 N N1    . DC  A 1 10 ? 11.679  -1.628  2.904   1.000 34.672  ? 10  DC  AAA N1    1 ? 
ATOM   196 C C2    . DC  A 1 10 ? 11.134  -2.093  1.706   1.000 36.077  ? 10  DC  AAA C2    1 ? 
ATOM   197 O O2    . DC  A 1 10 ? 11.252  -3.284  1.414   1.000 35.863  ? 10  DC  AAA O2    1 ? 
ATOM   198 N N3    . DC  A 1 10 ? 10.403  -1.253  0.949   1.000 32.716  ? 10  DC  AAA N3    1 ? 
ATOM   199 C C4    . DC  A 1 10 ? 10.263  0.018   1.308   1.000 35.150  ? 10  DC  AAA C4    1 ? 
ATOM   200 N N4    . DC  A 1 10 ? 9.544   0.795   0.521   1.000 35.294  ? 10  DC  AAA N4    1 ? 
ATOM   201 C C5    . DC  A 1 10 ? 10.835  0.530   2.504   1.000 35.697  ? 10  DC  AAA C5    1 ? 
ATOM   202 C C6    . DC  A 1 10 ? 11.538  -0.314  3.260   1.000 36.189  ? 10  DC  AAA C6    1 ? 
ATOM   203 P P     . DC  A 1 11 ? 17.027  -1.416  3.418   1.000 42.114  ? 11  DC  AAA P     1 ? 
ATOM   204 O OP1   . DC  A 1 11 ? 18.365  -1.767  3.930   1.000 40.960  ? 11  DC  AAA OP1   1 ? 
ATOM   205 O OP2   . DC  A 1 11 ? 16.716  0.028   3.149   1.000 42.081  ? 11  DC  AAA OP2   1 ? 
ATOM   206 O "O5'" . DC  A 1 11 ? 16.752  -2.303  2.126   1.000 43.990  ? 11  DC  AAA "O5'" 1 ? 
ATOM   207 C "C5'" . DC  A 1 11 ? 17.055  -1.787  0.845   1.000 42.710  ? 11  DC  AAA "C5'" 1 ? 
ATOM   208 C "C4'" . DC  A 1 11 ? 16.299  -2.557  -0.199  1.000 40.842  ? 11  DC  AAA "C4'" 1 ? 
ATOM   209 O "O4'" . DC  A 1 11 ? 14.872  -2.545  0.039   1.000 40.224  ? 11  DC  AAA "O4'" 1 ? 
ATOM   210 C "C3'" . DC  A 1 11 ? 16.446  -2.059  -1.622  1.000 42.393  ? 11  DC  AAA "C3'" 1 ? 
ATOM   211 O "O3'" . DC  A 1 11 ? 17.684  -2.403  -2.204  1.000 44.303  ? 11  DC  AAA "O3'" 1 ? 
ATOM   212 C "C2'" . DC  A 1 11 ? 15.294  -2.775  -2.277  1.000 42.653  ? 11  DC  AAA "C2'" 1 ? 
ATOM   213 C "C1'" . DC  A 1 11 ? 14.226  -2.601  -1.243  1.000 40.510  ? 11  DC  AAA "C1'" 1 ? 
ATOM   214 N N1    . DC  A 1 11 ? 13.426  -1.395  -1.410  1.000 37.559  ? 11  DC  AAA N1    1 ? 
ATOM   215 C C2    . DC  A 1 11 ? 12.513  -1.334  -2.465  1.000 36.187  ? 11  DC  AAA C2    1 ? 
ATOM   216 O O2    . DC  A 1 11 ? 12.384  -2.315  -3.195  1.000 36.730  ? 11  DC  AAA O2    1 ? 
ATOM   217 N N3    . DC  A 1 11 ? 11.788  -0.211  -2.645  1.000 36.520  ? 11  DC  AAA N3    1 ? 
ATOM   218 C C4    . DC  A 1 11 ? 11.971  0.835   -1.829  1.000 38.462  ? 11  DC  AAA C4    1 ? 
ATOM   219 N N4    . DC  A 1 11 ? 11.247  1.921   -2.032  1.000 39.793  ? 11  DC  AAA N4    1 ? 
ATOM   220 C C5    . DC  A 1 11 ? 12.893  0.797   -0.754  1.000 36.854  ? 11  DC  AAA C5    1 ? 
ATOM   221 C C6    . DC  A 1 11 ? 13.618  -0.311  -0.601  1.000 40.601  ? 11  DC  AAA C6    1 ? 
ATOM   222 P P     . DC  A 1 12 ? 18.416  -1.415  -3.269  1.000 44.642  ? 12  DC  AAA P     1 ? 
ATOM   223 O OP1   . DC  A 1 12 ? 19.758  -1.960  -3.551  1.000 44.512  ? 12  DC  AAA OP1   1 ? 
ATOM   224 O OP2   . DC  A 1 12 ? 18.252  -0.023  -2.858  1.000 44.064  ? 12  DC  AAA OP2   1 ? 
ATOM   225 O "O5'" . DC  A 1 12 ? 17.498  -1.583  -4.563  1.000 43.017  ? 12  DC  AAA "O5'" 1 ? 
ATOM   226 C "C5'" . DC  A 1 12 ? 17.477  -2.834  -5.259  1.000 41.190  ? 12  DC  AAA "C5'" 1 ? 
ATOM   227 C "C4'" . DC  A 1 12 ? 16.387  -2.872  -6.298  1.000 39.375  ? 12  DC  AAA "C4'" 1 ? 
ATOM   228 O "O4'" . DC  A 1 12 ? 15.103  -2.582  -5.727  1.000 38.734  ? 12  DC  AAA "O4'" 1 ? 
ATOM   229 C "C3'" . DC  A 1 12 ? 16.522  -1.868  -7.422  1.000 39.262  ? 12  DC  AAA "C3'" 1 ? 
ATOM   230 O "O3'" . DC  A 1 12 ? 17.488  -2.257  -8.381  1.000 41.029  ? 12  DC  AAA "O3'" 1 ? 
ATOM   231 C "C2'" . DC  A 1 12 ? 15.124  -1.865  -7.968  1.000 41.494  ? 12  DC  AAA "C2'" 1 ? 
ATOM   232 C "C1'" . DC  A 1 12 ? 14.308  -1.934  -6.714  1.000 38.669  ? 12  DC  AAA "C1'" 1 ? 
ATOM   233 N N1    . DC  A 1 12 ? 13.921  -0.609  -6.211  1.000 37.428  ? 12  DC  AAA N1    1 ? 
ATOM   234 C C2    . DC  A 1 12 ? 12.920  0.096   -6.870  1.000 36.987  ? 12  DC  AAA C2    1 ? 
ATOM   235 O O2    . DC  A 1 12 ? 12.363  -0.426  -7.840  1.000 37.316  ? 12  DC  AAA O2    1 ? 
ATOM   236 N N3    . DC  A 1 12 ? 12.598  1.335   -6.442  1.000 33.582  ? 12  DC  AAA N3    1 ? 
ATOM   237 C C4    . DC  A 1 12 ? 13.219  1.852   -5.376  1.000 35.424  ? 12  DC  AAA C4    1 ? 
ATOM   238 N N4    . DC  A 1 12 ? 12.861  3.053   -4.967  1.000 36.923  ? 12  DC  AAA N4    1 ? 
ATOM   239 C C5    . DC  A 1 12 ? 14.247  1.156   -4.697  1.000 36.826  ? 12  DC  AAA C5    1 ? 
ATOM   240 C C6    . DC  A 1 12 ? 14.564  -0.056  -5.139  1.000 38.830  ? 12  DC  AAA C6    1 ? 
ATOM   241 P P     . DG  A 1 13 ? 18.122  -1.186  -9.406  1.000 43.919  ? 13  DG  AAA P     1 ? 
ATOM   242 O OP1   . DG  A 1 13 ? 19.150  -1.907  -10.185 1.000 44.298  ? 13  DG  AAA OP1   1 ? 
ATOM   243 O OP2   . DG  A 1 13 ? 18.447  0.034   -8.597  1.000 43.218  ? 13  DG  AAA OP2   1 ? 
ATOM   244 O "O5'" . DG  A 1 13 ? 16.883  -0.801  -10.321 1.000 44.144  ? 13  DG  AAA "O5'" 1 ? 
ATOM   245 C "C5'" . DG  A 1 13 ? 16.458  -1.645  -11.375 1.000 42.907  ? 13  DG  AAA "C5'" 1 ? 
ATOM   246 C "C4'" . DG  A 1 13 ? 15.240  -1.064  -12.036 1.000 41.280  ? 13  DG  AAA "C4'" 1 ? 
ATOM   247 O "O4'" . DG  A 1 13 ? 14.243  -0.723  -11.061 1.000 39.715  ? 13  DG  AAA "O4'" 1 ? 
ATOM   248 C "C3'" . DG  A 1 13 ? 15.467  0.246   -12.771 1.000 38.360  ? 13  DG  AAA "C3'" 1 ? 
ATOM   249 O "O3'" . DG  A 1 13 ? 16.240  0.134   -13.959 1.000 43.638  ? 13  DG  AAA "O3'" 1 ? 
ATOM   250 C "C2'" . DG  A 1 13 ? 14.049  0.723   -12.925 1.000 40.559  ? 13  DG  AAA "C2'" 1 ? 
ATOM   251 C "C1'" . DG  A 1 13 ? 13.541  0.433   -11.529 1.000 39.882  ? 13  DG  AAA "C1'" 1 ? 
ATOM   252 N N9    . DG  A 1 13 ? 13.761  1.537   -10.590 1.000 37.560  ? 13  DG  AAA N9    1 ? 
ATOM   253 C C8    . DG  A 1 13 ? 14.658  1.631   -9.554  1.000 37.933  ? 13  DG  AAA C8    1 ? 
ATOM   254 N N7    . DG  A 1 13 ? 14.598  2.770   -8.919  1.000 37.127  ? 13  DG  AAA N7    1 ? 
ATOM   255 C C5    . DG  A 1 13 ? 13.631  3.491   -9.607  1.000 35.397  ? 13  DG  AAA C5    1 ? 
ATOM   256 C C6    . DG  A 1 13 ? 13.145  4.808   -9.414  1.000 35.817  ? 13  DG  AAA C6    1 ? 
ATOM   257 O O6    . DG  A 1 13 ? 13.463  5.632   -8.555  1.000 37.495  ? 13  DG  AAA O6    1 ? 
ATOM   258 N N1    . DG  A 1 13 ? 12.200  5.153   -10.386 1.000 38.179  ? 13  DG  AAA N1    1 ? 
ATOM   259 C C2    . DG  A 1 13 ? 11.772  4.332   -11.399 1.000 38.805  ? 13  DG  AAA C2    1 ? 
ATOM   260 N N2    . DG  A 1 13 ? 10.841  4.823   -12.202 1.000 39.118  ? 13  DG  AAA N2    1 ? 
ATOM   261 N N3    . DG  A 1 13 ? 12.179  3.088   -11.560 1.000 38.829  ? 13  DG  AAA N3    1 ? 
ATOM   262 C C4    . DG  A 1 13 ? 13.134  2.750   -10.667 1.000 37.012  ? 13  DG  AAA C4    1 ? 
ATOM   263 P P     . DG  A 1 14 ? 17.390  1.190   -14.240 1.000 45.003  ? 14  DG  AAA P     1 ? 
ATOM   264 O OP1   . DG  A 1 14 ? 17.871  0.977   -15.622 1.000 45.775  ? 14  DG  AAA OP1   1 ? 
ATOM   265 O OP2   . DG  A 1 14 ? 18.345  1.162   -13.139 1.000 43.486  ? 14  DG  AAA OP2   1 ? 
ATOM   266 O "O5'" . DG  A 1 14 ? 16.621  2.576   -14.108 1.000 44.387  ? 14  DG  AAA "O5'" 1 ? 
ATOM   267 C "C5'" . DG  A 1 14 ? 16.344  3.364   -15.265 1.000 44.524  ? 14  DG  AAA "C5'" 1 ? 
ATOM   268 C "C4'" . DG  A 1 14 ? 14.895  3.233   -15.642 1.000 41.282  ? 14  DG  AAA "C4'" 1 ? 
ATOM   269 O "O4'" . DG  A 1 14 ? 14.049  3.430   -14.509 1.000 37.766  ? 14  DG  AAA "O4'" 1 ? 
ATOM   270 C "C3'" . DG  A 1 14 ? 14.382  4.202   -16.695 1.000 42.515  ? 14  DG  AAA "C3'" 1 ? 
ATOM   271 O "O3'" . DG  A 1 14 ? 13.295  3.613   -17.415 1.000 41.992  ? 14  DG  AAA "O3'" 1 ? 
ATOM   272 C "C2'" . DG  A 1 14 ? 13.901  5.375   -15.867 1.000 42.039  ? 14  DG  AAA "C2'" 1 ? 
ATOM   273 C "C1'" . DG  A 1 14 ? 13.581  4.771   -14.502 1.000 40.550  ? 14  DG  AAA "C1'" 1 ? 
ATOM   274 N N9    . DG  A 1 14 ? 14.186  5.442   -13.362 1.000 37.588  ? 14  DG  AAA N9    1 ? 
ATOM   275 C C8    . DG  A 1 14 ? 15.195  4.954   -12.562 1.000 37.434  ? 14  DG  AAA C8    1 ? 
ATOM   276 N N7    . DG  A 1 14 ? 15.525  5.769   -11.595 1.000 36.774  ? 14  DG  AAA N7    1 ? 
ATOM   277 C C5    . DG  A 1 14 ? 14.767  6.914   -11.839 1.000 36.198  ? 14  DG  AAA C5    1 ? 
ATOM   278 C C6    . DG  A 1 14 ? 14.690  8.129   -11.116 1.000 40.294  ? 14  DG  AAA C6    1 ? 
ATOM   279 O O6    . DG  A 1 14 ? 15.375  8.493   -10.145 1.000 37.795  ? 14  DG  AAA O6    1 ? 
ATOM   280 N N1    . DG  A 1 14 ? 13.781  9.011   -11.693 1.000 37.837  ? 14  DG  AAA N1    1 ? 
ATOM   281 C C2    . DG  A 1 14 ? 12.983  8.731   -12.766 1.000 37.749  ? 14  DG  AAA C2    1 ? 
ATOM   282 N N2    . DG  A 1 14 ? 12.167  9.706   -13.131 1.000 37.821  ? 14  DG  AAA N2    1 ? 
ATOM   283 N N3    . DG  A 1 14 ? 13.020  7.587   -13.443 1.000 37.134  ? 14  DG  AAA N3    1 ? 
ATOM   284 C C4    . DG  A 1 14 ? 13.915  6.720   -12.910 1.000 37.914  ? 14  DG  AAA C4    1 ? 
ATOM   285 O "O5'" . DC  B 1 1  ? 11.223  16.377  -7.294  1.000 44.577  ? 1   DC  BBB "O5'" 1 ? 
ATOM   286 C "C5'" . DC  B 1 1  ? 10.464  17.050  -8.304  1.000 45.539  ? 1   DC  BBB "C5'" 1 ? 
ATOM   287 C "C4'" . DC  B 1 1  ? 10.253  16.185  -9.524  1.000 45.378  ? 1   DC  BBB "C4'" 1 ? 
ATOM   288 O "O4'" . DC  B 1 1  ? 11.501  15.861  -10.178 1.000 44.965  ? 1   DC  BBB "O4'" 1 ? 
ATOM   289 C "C3'" . DC  B 1 1  ? 9.630   14.825  -9.301  1.000 44.316  ? 1   DC  BBB "C3'" 1 ? 
ATOM   290 O "O3'" . DC  B 1 1  ? 8.263   14.878  -8.997  1.000 45.471  ? 1   DC  BBB "O3'" 1 ? 
ATOM   291 C "C2'" . DC  B 1 1  ? 9.972   14.138  -10.602 1.000 47.115  ? 1   DC  BBB "C2'" 1 ? 
ATOM   292 C "C1'" . DC  B 1 1  ? 11.379  14.587  -10.832 1.000 43.197  ? 1   DC  BBB "C1'" 1 ? 
ATOM   293 N N1    . DC  B 1 1  ? 12.408  13.679  -10.279 1.000 43.441  ? 1   DC  BBB N1    1 ? 
ATOM   294 C C2    . DC  B 1 1  ? 12.653  12.465  -10.918 1.000 46.890  ? 1   DC  BBB C2    1 ? 
ATOM   295 O O2    . DC  B 1 1  ? 11.987  12.175  -11.911 1.000 43.218  ? 1   DC  BBB O2    1 ? 
ATOM   296 N N3    . DC  B 1 1  ? 13.576  11.624  -10.407 1.000 43.066  ? 1   DC  BBB N3    1 ? 
ATOM   297 C C4    . DC  B 1 1  ? 14.248  11.966  -9.301  1.000 42.997  ? 1   DC  BBB C4    1 ? 
ATOM   298 N N4    . DC  B 1 1  ? 15.179  11.136  -8.858  1.000 45.202  ? 1   DC  BBB N4    1 ? 
ATOM   299 C C5    . DC  B 1 1  ? 14.042  13.211  -8.654  1.000 44.217  ? 1   DC  BBB C5    1 ? 
ATOM   300 C C6    . DC  B 1 1  ? 13.123  14.027  -9.169  1.000 43.986  ? 1   DC  BBB C6    1 ? 
ATOM   301 P P     . DC  B 1 2  ? 7.516   13.614  -8.359  1.000 43.354  ? 2   DC  BBB P     1 ? 
ATOM   302 O OP1   . DC  B 1 2  ? 6.095   14.019  -8.236  1.000 43.213  ? 2   DC  BBB OP1   1 ? 
ATOM   303 O OP2   . DC  B 1 2  ? 8.306   13.095  -7.207  1.000 43.529  ? 2   DC  BBB OP2   1 ? 
ATOM   304 O "O5'" . DC  B 1 2  ? 7.539   12.480  -9.487  1.000 43.488  ? 2   DC  BBB "O5'" 1 ? 
ATOM   305 C "C5'" . DC  B 1 2  ? 6.833   12.642  -10.723 1.000 43.452  ? 2   DC  BBB "C5'" 1 ? 
ATOM   306 C "C4'" . DC  B 1 2  ? 6.932   11.395  -11.558 1.000 38.610  ? 2   DC  BBB "C4'" 1 ? 
ATOM   307 O "O4'" . DC  B 1 2  ? 8.296   11.178  -11.942 1.000 40.341  ? 2   DC  BBB "O4'" 1 ? 
ATOM   308 C "C3'" . DC  B 1 2  ? 6.551   10.108  -10.859 1.000 39.070  ? 2   DC  BBB "C3'" 1 ? 
ATOM   309 O "O3'" . DC  B 1 2  ? 5.160   9.992   -10.714 1.000 41.029  ? 2   DC  BBB "O3'" 1 ? 
ATOM   310 C "C2'" . DC  B 1 2  ? 7.213   9.096   -11.759 1.000 43.409  ? 2   DC  BBB "C2'" 1 ? 
ATOM   311 C "C1'" . DC  B 1 2  ? 8.533   9.766   -11.966 1.000 40.521  ? 2   DC  BBB "C1'" 1 ? 
ATOM   312 N N1    . DC  B 1 2  ? 9.562   9.419   -10.954 1.000 38.711  ? 2   DC  BBB N1    1 ? 
ATOM   313 C C2    . DC  B 1 2  ? 10.147  8.164   -11.047 1.000 38.660  ? 2   DC  BBB C2    1 ? 
ATOM   314 O O2    . DC  B 1 2  ? 9.834   7.437   -11.972 1.000 37.703  ? 2   DC  BBB O2    1 ? 
ATOM   315 N N3    . DC  B 1 2  ? 11.079  7.797   -10.145 1.000 37.784  ? 2   DC  BBB N3    1 ? 
ATOM   316 C C4    . DC  B 1 2  ? 11.418  8.622   -9.165  1.000 38.255  ? 2   DC  BBB C4    1 ? 
ATOM   317 N N4    . DC  B 1 2  ? 12.355  8.219   -8.320  1.000 39.148  ? 2   DC  BBB N4    1 ? 
ATOM   318 C C5    . DC  B 1 2  ? 10.862  9.925   -9.057  1.000 38.765  ? 2   DC  BBB C5    1 ? 
ATOM   319 C C6    . DC  B 1 2  ? 9.948   10.283  -9.967  1.000 40.185  ? 2   DC  BBB C6    1 ? 
ATOM   320 P P     . DG  B 1 3  ? 4.506   9.023   -9.647  1.000 44.770  ? 3   DG  BBB P     1 ? 
ATOM   321 O OP1   . DG  B 1 3  ? 3.041   9.106   -9.900  1.000 44.585  ? 3   DG  BBB OP1   1 ? 
ATOM   322 O OP2   . DG  B 1 3  ? 5.120   9.332   -8.324  1.000 45.461  ? 3   DG  BBB OP2   1 ? 
ATOM   323 O "O5'" . DG  B 1 3  ? 5.002   7.563   -10.106 1.000 43.685  ? 3   DG  BBB "O5'" 1 ? 
ATOM   324 C "C5'" . DG  B 1 3  ? 4.319   6.864   -11.123 1.000 42.761  ? 3   DG  BBB "C5'" 1 ? 
ATOM   325 C "C4'" . DG  B 1 3  ? 5.082   5.629   -11.518 1.000 41.670  ? 3   DG  BBB "C4'" 1 ? 
ATOM   326 O "O4'" . DG  B 1 3  ? 6.490   5.897   -11.614 1.000 39.964  ? 3   DG  BBB "O4'" 1 ? 
ATOM   327 C "C3'" . DG  B 1 3  ? 5.011   4.472   -10.544 1.000 41.738  ? 3   DG  BBB "C3'" 1 ? 
ATOM   328 O "O3'" . DG  B 1 3  ? 3.785   3.807   -10.617 1.000 42.503  ? 3   DG  BBB "O3'" 1 ? 
ATOM   329 C "C2'" . DG  B 1 3  ? 6.171   3.636   -11.018 1.000 43.818  ? 3   DG  BBB "C2'" 1 ? 
ATOM   330 C "C1'" . DG  B 1 3  ? 7.193   4.706   -11.203 1.000 38.609  ? 3   DG  BBB "C1'" 1 ? 
ATOM   331 N N9    . DG  B 1 3  ? 7.977   5.003   -10.009 1.000 39.381  ? 3   DG  BBB N9    1 ? 
ATOM   332 C C8    . DG  B 1 3  ? 7.949   6.129   -9.223  1.000 38.565  ? 3   DG  BBB C8    1 ? 
ATOM   333 N N7    . DG  B 1 3  ? 8.785   6.077   -8.221  1.000 36.705  ? 3   DG  BBB N7    1 ? 
ATOM   334 C C5    . DG  B 1 3  ? 9.347   4.811   -8.309  1.000 37.062  ? 3   DG  BBB C5    1 ? 
ATOM   335 C C6    . DG  B 1 3  ? 10.306  4.165   -7.475  1.000 39.085  ? 3   DG  BBB C6    1 ? 
ATOM   336 O O6    . DG  B 1 3  ? 10.881  4.604   -6.478  1.000 39.633  ? 3   DG  BBB O6    1 ? 
ATOM   337 N N1    . DG  B 1 3  ? 10.590  2.882   -7.927  1.000 39.417  ? 3   DG  BBB N1    1 ? 
ATOM   338 C C2    . DG  B 1 3  ? 10.065  2.301   -9.048  1.000 38.547  ? 3   DG  BBB C2    1 ? 
ATOM   339 N N2    . DG  B 1 3  ? 10.494  1.067   -9.309  1.000 38.881  ? 3   DG  BBB N2    1 ? 
ATOM   340 N N3    . DG  B 1 3  ? 9.158   2.879   -9.830  1.000 38.793  ? 3   DG  BBB N3    1 ? 
ATOM   341 C C4    . DG  B 1 3  ? 8.848   4.128   -9.401  1.000 38.570  ? 3   DG  BBB C4    1 ? 
ATOM   342 P P     . DG  B 1 4  ? 3.216   2.926   -9.395  1.000 43.554  ? 4   DG  BBB P     1 ? 
ATOM   343 O OP1   . DG  B 1 4  ? 1.892   2.499   -9.822  1.000 44.645  ? 4   DG  BBB OP1   1 ? 
ATOM   344 O OP2   . DG  B 1 4  ? 3.415   3.639   -8.095  1.000 43.586  ? 4   DG  BBB OP2   1 ? 
ATOM   345 O "O5'" . DG  B 1 4  ? 4.146   1.652   -9.352  1.000 41.740  ? 4   DG  BBB "O5'" 1 ? 
ATOM   346 C "C5'" . DG  B 1 4  ? 4.159   0.729   -10.423 1.000 41.648  ? 4   DG  BBB "C5'" 1 ? 
ATOM   347 C "C4'" . DG  B 1 4  ? 5.131   -0.372  -10.127 1.000 41.255  ? 4   DG  BBB "C4'" 1 ? 
ATOM   348 O "O4'" . DG  B 1 4  ? 6.451   0.153   -9.975  1.000 39.229  ? 4   DG  BBB "O4'" 1 ? 
ATOM   349 C "C3'" . DG  B 1 4  ? 4.911   -1.147  -8.849  1.000 40.751  ? 4   DG  BBB "C3'" 1 ? 
ATOM   350 O "O3'" . DG  B 1 4  ? 3.886   -2.096  -9.031  1.000 45.221  ? 4   DG  BBB "O3'" 1 ? 
ATOM   351 C "C2'" . DG  B 1 4  ? 6.271   -1.775  -8.645  1.000 42.358  ? 4   DG  BBB "C2'" 1 ? 
ATOM   352 C "C1'" . DG  B 1 4  ? 7.175   -0.643  -9.009  1.000 41.346  ? 4   DG  BBB "C1'" 1 ? 
ATOM   353 N N9    . DG  B 1 4  ? 7.562   0.219   -7.894  1.000 40.867  ? 4   DG  BBB N9    1 ? 
ATOM   354 C C8    . DG  B 1 4  ? 7.084   1.481   -7.644  1.000 41.770  ? 4   DG  BBB C8    1 ? 
ATOM   355 N N7    . DG  B 1 4  ? 7.602   2.026   -6.577  1.000 39.233  ? 4   DG  BBB N7    1 ? 
ATOM   356 C C5    . DG  B 1 4  ? 8.487   1.070   -6.097  1.000 38.414  ? 4   DG  BBB C5    1 ? 
ATOM   357 C C6    . DG  B 1 4  ? 9.334   1.093   -4.954  1.000 37.950  ? 4   DG  BBB C6    1 ? 
ATOM   358 O O6    . DG  B 1 4  ? 9.473   1.992   -4.118  1.000 38.260  ? 4   DG  BBB O6    1 ? 
ATOM   359 N N1    . DG  B 1 4  ? 10.052  -0.090  -4.827  1.000 37.521  ? 4   DG  BBB N1    1 ? 
ATOM   360 C C2    . DG  B 1 4  ? 9.966   -1.162  -5.688  1.000 37.592  ? 4   DG  BBB C2    1 ? 
ATOM   361 N N2    . DG  B 1 4  ? 10.737  -2.203  -5.403  1.000 38.800  ? 4   DG  BBB N2    1 ? 
ATOM   362 N N3    . DG  B 1 4  ? 9.173   -1.203  -6.744  1.000 38.199  ? 4   DG  BBB N3    1 ? 
ATOM   363 C C4    . DG  B 1 4  ? 8.484   -0.050  -6.903  1.000 40.003  ? 4   DG  BBB C4    1 ? 
ATOM   364 P P     . DG  B 1 5  ? 3.141   -2.725  -7.796  1.000 44.112  ? 5   DG  BBB P     1 ? 
ATOM   365 O OP1   . DG  B 1 5  ? 2.076   -3.617  -8.316  1.000 43.979  ? 5   DG  BBB OP1   1 ? 
ATOM   366 O OP2   . DG  B 1 5  ? 2.812   -1.605  -6.857  1.000 44.692  ? 5   DG  BBB OP2   1 ? 
ATOM   367 O "O5'" . DG  B 1 5  ? 4.251   -3.618  -7.091  1.000 43.544  ? 5   DG  BBB "O5'" 1 ? 
ATOM   368 C "C5'" . DG  B 1 5  ? 4.629   -4.856  -7.682  1.000 42.137  ? 5   DG  BBB "C5'" 1 ? 
ATOM   369 C "C4'" . DG  B 1 5  ? 5.676   -5.526  -6.845  1.000 40.929  ? 5   DG  BBB "C4'" 1 ? 
ATOM   370 O "O4'" . DG  B 1 5  ? 6.790   -4.664  -6.702  1.000 40.440  ? 5   DG  BBB "O4'" 1 ? 
ATOM   371 C "C3'" . DG  B 1 5  ? 5.285   -5.875  -5.425  1.000 40.710  ? 5   DG  BBB "C3'" 1 ? 
ATOM   372 O "O3'" . DG  B 1 5  ? 4.508   -7.042  -5.395  1.000 41.481  ? 5   DG  BBB "O3'" 1 ? 
ATOM   373 C "C2'" . DG  B 1 5  ? 6.635   -6.026  -4.774  1.000 40.507  ? 5   DG  BBB "C2'" 1 ? 
ATOM   374 C "C1'" . DG  B 1 5  ? 7.373   -4.886  -5.414  1.000 41.699  ? 5   DG  BBB "C1'" 1 ? 
ATOM   375 N N9    . DG  B 1 5  ? 7.343   -3.624  -4.683  1.000 38.250  ? 5   DG  BBB N9    1 ? 
ATOM   376 C C8    . DG  B 1 5  ? 6.576   -2.515  -4.930  1.000 38.861  ? 5   DG  BBB C8    1 ? 
ATOM   377 N N7    . DG  B 1 5  ? 6.770   -1.553  -4.071  1.000 36.848  ? 5   DG  BBB N7    1 ? 
ATOM   378 C C5    . DG  B 1 5  ? 7.743   -2.054  -3.217  1.000 36.056  ? 5   DG  BBB C5    1 ? 
ATOM   379 C C6    . DG  B 1 5  ? 8.331   -1.482  -2.079  1.000 34.692  ? 5   DG  BBB C6    1 ? 
ATOM   380 O O6    . DG  B 1 5  ? 8.184   -0.349  -1.640  1.000 32.919  ? 5   DG  BBB O6    1 ? 
ATOM   381 N N1    . DG  B 1 5  ? 9.214   -2.360  -1.463  1.000 34.679  ? 5   DG  BBB N1    1 ? 
ATOM   382 C C2    . DG  B 1 5  ? 9.493   -3.628  -1.895  1.000 34.764  ? 5   DG  BBB C2    1 ? 
ATOM   383 N N2    . DG  B 1 5  ? 10.354  -4.331  -1.165  1.000 36.608  ? 5   DG  BBB N2    1 ? 
ATOM   384 N N3    . DG  B 1 5  ? 8.927   -4.188  -2.944  1.000 35.431  ? 5   DG  BBB N3    1 ? 
ATOM   385 C C4    . DG  B 1 5  ? 8.052   -3.357  -3.541  1.000 37.756  ? 5   DG  BBB C4    1 ? 
ATOM   386 P P     . DG  B 1 6  ? 3.359   -7.243  -4.314  1.000 42.146  ? 6   DG  BBB P     1 ? 
ATOM   387 O OP1   . DG  B 1 6  ? 2.800   -8.581  -4.527  1.000 44.430  ? 6   DG  BBB OP1   1 ? 
ATOM   388 O OP2   . DG  B 1 6  ? 2.501   -6.055  -4.281  1.000 40.663  ? 6   DG  BBB OP2   1 ? 
ATOM   389 O "O5'" . DG  B 1 6  ? 4.129   -7.287  -2.923  1.000 41.507  ? 6   DG  BBB "O5'" 1 ? 
ATOM   390 C "C5'" . DG  B 1 6  ? 4.944   -8.403  -2.579  1.000 41.989  ? 6   DG  BBB "C5'" 1 ? 
ATOM   391 C "C4'" . DG  B 1 6  ? 5.721   -8.108  -1.331  1.000 37.612  ? 6   DG  BBB "C4'" 1 ? 
ATOM   392 O "O4'" . DG  B 1 6  ? 6.557   -6.950  -1.545  1.000 36.812  ? 6   DG  BBB "O4'" 1 ? 
ATOM   393 C "C3'" . DG  B 1 6  ? 4.913   -7.777  -0.096  1.000 36.132  ? 6   DG  BBB "C3'" 1 ? 
ATOM   394 O "O3'" . DG  B 1 6  ? 4.391   -8.911  0.572   1.000 36.662  ? 6   DG  BBB "O3'" 1 ? 
ATOM   395 C "C2'" . DG  B 1 6  ? 5.915   -6.985  0.717   1.000 36.627  ? 6   DG  BBB "C2'" 1 ? 
ATOM   396 C "C1'" . DG  B 1 6  ? 6.630   -6.215  -0.334  1.000 36.162  ? 6   DG  BBB "C1'" 1 ? 
ATOM   397 N N9    . DG  B 1 6  ? 6.122   -4.878  -0.553  1.000 35.411  ? 6   DG  BBB N9    1 ? 
ATOM   398 C C8    . DG  B 1 6  ? 5.298   -4.401  -1.545  1.000 36.999  ? 6   DG  BBB C8    1 ? 
ATOM   399 N N7    . DG  B 1 6  ? 5.018   -3.132  -1.423  1.000 34.159  ? 6   DG  BBB N7    1 ? 
ATOM   400 C C5    . DG  B 1 6  ? 5.698   -2.742  -0.269  1.000 36.571  ? 6   DG  BBB C5    1 ? 
ATOM   401 C C6    . DG  B 1 6  ? 5.800   -1.472  0.370   1.000 36.147  ? 6   DG  BBB C6    1 ? 
ATOM   402 O O6    . DG  B 1 6  ? 5.290   -0.384  0.045   1.000 34.997  ? 6   DG  BBB O6    1 ? 
ATOM   403 N N1    . DG  B 1 6  ? 6.622   -1.537  1.492   1.000 33.952  ? 6   DG  BBB N1    1 ? 
ATOM   404 C C2    . DG  B 1 6  ? 7.260   -2.659  1.948   1.000 31.730  ? 6   DG  BBB C2    1 ? 
ATOM   405 N N2    . DG  B 1 6  ? 7.961   -2.518  3.051   1.000 34.401  ? 6   DG  BBB N2    1 ? 
ATOM   406 N N3    . DG  B 1 6  ? 7.184   -3.839  1.368   1.000 32.940  ? 6   DG  BBB N3    1 ? 
ATOM   407 C C4    . DG  B 1 6  ? 6.411   -3.807  0.259   1.000 34.165  ? 6   DG  BBB C4    1 ? 
ATOM   408 P P     . DT  B 1 7  ? 3.070   -8.845  1.413   1.000 38.544  ? 7   DT  BBB P     1 ? 
ATOM   409 O OP1   . DT  B 1 7  ? 2.701   -10.249 1.779   1.000 39.823  ? 7   DT  BBB OP1   1 ? 
ATOM   410 O OP2   . DT  B 1 7  ? 2.094   -7.924  0.762   1.000 38.262  ? 7   DT  BBB OP2   1 ? 
ATOM   411 O "O5'" . DT  B 1 7  ? 3.530   -8.153  2.791   1.000 37.157  ? 7   DT  BBB "O5'" 1 ? 
ATOM   412 C "C5'" . DT  B 1 7  ? 4.389   -8.823  3.707   1.000 36.597  ? 7   DT  BBB "C5'" 1 ? 
ATOM   413 C "C4'" . DT  B 1 7  ? 4.886   -7.810  4.696   1.000 35.726  ? 7   DT  BBB "C4'" 1 ? 
ATOM   414 O "O4'" . DT  B 1 7  ? 5.487   -6.683  4.018   1.000 35.791  ? 7   DT  BBB "O4'" 1 ? 
ATOM   415 C "C3'" . DT  B 1 7  ? 3.823   -7.178  5.566   1.000 35.035  ? 7   DT  BBB "C3'" 1 ? 
ATOM   416 O "O3'" . DT  B 1 7  ? 3.416   -8.007  6.626   1.000 36.649  ? 7   DT  BBB "O3'" 1 ? 
ATOM   417 C "C2'" . DT  B 1 7  ? 4.574   -6.003  6.092   1.000 36.258  ? 7   DT  BBB "C2'" 1 ? 
ATOM   418 C "C1'" . DT  B 1 7  ? 5.278   -5.544  4.852   1.000 35.843  ? 7   DT  BBB "C1'" 1 ? 
ATOM   419 N N1    . DT  B 1 7  ? 4.602   -4.485  4.070   1.000 34.362  ? 7   DT  BBB N1    1 ? 
ATOM   420 C C2    . DT  B 1 7  ? 4.692   -3.179  4.508   1.000 34.212  ? 7   DT  BBB C2    1 ? 
ATOM   421 O O2    . DT  B 1 7  ? 5.269   -2.854  5.523   1.000 35.087  ? 7   DT  BBB O2    1 ? 
ATOM   422 N N3    . DT  B 1 7  ? 3.991   -2.271  3.741   1.000 33.042  ? 7   DT  BBB N3    1 ? 
ATOM   423 C C4    . DT  B 1 7  ? 3.298   -2.512  2.572   1.000 36.955  ? 7   DT  BBB C4    1 ? 
ATOM   424 O O4    . DT  B 1 7  ? 2.759   -1.576  1.954   1.000 35.111  ? 7   DT  BBB O4    1 ? 
ATOM   425 C C5    . DT  B 1 7  ? 3.233   -3.897  2.187   1.000 33.909  ? 7   DT  BBB C5    1 ? 
ATOM   426 C C7    . DT  B 1 7  ? 2.513   -4.257  0.935   1.000 35.501  ? 7   DT  BBB C7    1 ? 
ATOM   427 C C6    . DT  B 1 7  ? 3.909   -4.796  2.925   1.000 35.307  ? 7   DT  BBB C6    1 ? 
ATOM   428 P P     . DA  B 1 8  ? 2.014   -7.817  7.375   1.000 38.917  ? 8   DA  BBB P     1 ? 
ATOM   429 O OP1   . DA  B 1 8  ? 1.915   -8.919  8.372   1.000 39.627  ? 8   DA  BBB OP1   1 ? 
ATOM   430 O OP2   . DA  B 1 8  ? 0.952   -7.579  6.376   1.000 38.373  ? 8   DA  BBB OP2   1 ? 
ATOM   431 O "O5'" . DA  B 1 8  ? 2.191   -6.477  8.215   1.000 39.515  ? 8   DA  BBB "O5'" 1 ? 
ATOM   432 C "C5'" . DA  B 1 8  ? 3.034   -6.440  9.323   1.000 38.876  ? 8   DA  BBB "C5'" 1 ? 
ATOM   433 C "C4'" . DA  B 1 8  ? 3.101   -5.014  9.798   1.000 37.913  ? 8   DA  BBB "C4'" 1 ? 
ATOM   434 O "O4'" . DA  B 1 8  ? 3.608   -4.157  8.760   1.000 37.984  ? 8   DA  BBB "O4'" 1 ? 
ATOM   435 C "C3'" . DA  B 1 8  ? 1.793   -4.391  10.204  1.000 37.432  ? 8   DA  BBB "C3'" 1 ? 
ATOM   436 O "O3'" . DA  B 1 8  ? 1.439   -4.751  11.506  1.000 39.965  ? 8   DA  BBB "O3'" 1 ? 
ATOM   437 C "C2'" . DA  B 1 8  ? 2.096   -2.929  10.078  1.000 39.144  ? 8   DA  BBB "C2'" 1 ? 
ATOM   438 C "C1'" . DA  B 1 8  ? 2.947   -2.897  8.873   1.000 36.679  ? 8   DA  BBB "C1'" 1 ? 
ATOM   439 N N9    . DA  B 1 8  ? 2.250   -2.610  7.619   1.000 34.354  ? 8   DA  BBB N9    1 ? 
ATOM   440 C C8    . DA  B 1 8  ? 1.839   -3.489  6.652   1.000 35.854  ? 8   DA  BBB C8    1 ? 
ATOM   441 N N7    . DA  B 1 8  ? 1.260   -2.920  5.634   1.000 32.648  ? 8   DA  BBB N7    1 ? 
ATOM   442 C C5    . DA  B 1 8  ? 1.369   -1.556  5.908   1.000 32.724  ? 8   DA  BBB C5    1 ? 
ATOM   443 C C6    . DA  B 1 8  ? 0.973   -0.412  5.198   1.000 34.847  ? 8   DA  BBB C6    1 ? 
ATOM   444 N N6    . DA  B 1 8  ? 0.381   -0.460  4.023   1.000 35.481  ? 8   DA  BBB N6    1 ? 
ATOM   445 N N1    . DA  B 1 8  ? 1.187   0.797   5.769   1.000 32.260  ? 8   DA  BBB N1    1 ? 
ATOM   446 C C2    . DA  B 1 8  ? 1.788   0.830   6.962   1.000 33.500  ? 8   DA  BBB C2    1 ? 
ATOM   447 N N3    . DA  B 1 8  ? 2.228   -0.173  7.717   1.000 34.934  ? 8   DA  BBB N3    1 ? 
ATOM   448 C C4    . DA  B 1 8  ? 1.993   -1.356  7.122   1.000 35.421  ? 8   DA  BBB C4    1 ? 
ATOM   449 P P     . DC  B 1 9  ? -0.051  -4.996  11.926  1.000 40.920  ? 9   DC  BBB P     1 ? 
ATOM   450 O OP1   . DC  B 1 9  ? 0.010   -5.634  13.269  1.000 42.453  ? 9   DC  BBB OP1   1 ? 
ATOM   451 O OP2   . DC  B 1 9  ? -0.766  -5.653  10.804  1.000 39.905  ? 9   DC  BBB OP2   1 ? 
ATOM   452 O "O5'" . DC  B 1 9  ? -0.687  -3.533  12.121  1.000 40.339  ? 9   DC  BBB "O5'" 1 ? 
ATOM   453 C "C5'" . DC  B 1 9  ? -0.269  -2.723  13.217  1.000 41.493  ? 9   DC  BBB "C5'" 1 ? 
ATOM   454 C "C4'" . DC  B 1 9  ? -0.418  -1.264  12.879  1.000 38.133  ? 9   DC  BBB "C4'" 1 ? 
ATOM   455 O "O4'" . DC  B 1 9  ? 0.194   -0.994  11.615  1.000 38.090  ? 9   DC  BBB "O4'" 1 ? 
ATOM   456 C "C3'" . DC  B 1 9  ? -1.837  -0.786  12.729  1.000 39.012  ? 9   DC  BBB "C3'" 1 ? 
ATOM   457 O "O3'" . DC  B 1 9  ? -2.458  -0.526  13.986  1.000 41.299  ? 9   DC  BBB "O3'" 1 ? 
ATOM   458 C "C2'" . DC  B 1 9  ? -1.639  0.450   11.893  1.000 40.739  ? 9   DC  BBB "C2'" 1 ? 
ATOM   459 C "C1'" . DC  B 1 9  ? -0.519  0.060   10.985  1.000 38.456  ? 9   DC  BBB "C1'" 1 ? 
ATOM   460 N N1    . DC  B 1 9  ? -0.959  -0.395  9.675   1.000 36.633  ? 9   DC  BBB N1    1 ? 
ATOM   461 C C2    . DC  B 1 9  ? -1.211  0.565   8.695   1.000 35.284  ? 9   DC  BBB C2    1 ? 
ATOM   462 O O2    . DC  B 1 9  ? -1.102  1.754   8.981   1.000 35.524  ? 9   DC  BBB O2    1 ? 
ATOM   463 N N3    . DC  B 1 9  ? -1.622  0.165   7.484   1.000 32.824  ? 9   DC  BBB N3    1 ? 
ATOM   464 C C4    . DC  B 1 9  ? -1.751  -1.139  7.218   1.000 32.468  ? 9   DC  BBB C4    1 ? 
ATOM   465 N N4    . DC  B 1 9  ? -2.127  -1.483  6.007   1.000 31.670  ? 9   DC  BBB N4    1 ? 
ATOM   466 C C5    . DC  B 1 9  ? -1.473  -2.132  8.182   1.000 33.105  ? 9   DC  BBB C5    1 ? 
ATOM   467 C C6    . DC  B 1 9  ? -1.091  -1.724  9.389   1.000 37.301  ? 9   DC  BBB C6    1 ? 
ATOM   468 P P     . DC  B 1 10 ? -4.043  -0.519  14.133  1.000 44.099  ? 10  DC  BBB P     1 ? 
ATOM   469 O OP1   . DC  B 1 10 ? -4.360  -0.367  15.546  1.000 45.258  ? 10  DC  BBB OP1   1 ? 
ATOM   470 O OP2   . DC  B 1 10 ? -4.627  -1.590  13.316  1.000 44.291  ? 10  DC  BBB OP2   1 ? 
ATOM   471 O "O5'" . DC  B 1 10 ? -4.484  0.838   13.408  1.000 41.834  ? 10  DC  BBB "O5'" 1 ? 
ATOM   472 C "C5'" . DC  B 1 10 ? -4.256  2.099   14.006  1.000 40.296  ? 10  DC  BBB "C5'" 1 ? 
ATOM   473 C "C4'" . DC  B 1 10 ? -4.933  3.163   13.190  1.000 37.741  ? 10  DC  BBB "C4'" 1 ? 
ATOM   474 O "O4'" . DC  B 1 10 ? -4.276  3.344   11.918  1.000 36.976  ? 10  DC  BBB "O4'" 1 ? 
ATOM   475 C "C3'" . DC  B 1 10 ? -6.359  2.827   12.833  1.000 34.355  ? 10  DC  BBB "C3'" 1 ? 
ATOM   476 O "O3'" . DC  B 1 10 ? -7.205  3.064   13.934  1.000 35.993  ? 10  DC  BBB "O3'" 1 ? 
ATOM   477 C "C2'" . DC  B 1 10 ? -6.598  3.675   11.611  1.000 36.343  ? 10  DC  BBB "C2'" 1 ? 
ATOM   478 C "C1'" . DC  B 1 10 ? -5.290  3.603   10.940  1.000 36.969  ? 10  DC  BBB "C1'" 1 ? 
ATOM   479 N N1    . DC  B 1 10 ? -5.223  2.596   9.877   1.000 33.810  ? 10  DC  BBB N1    1 ? 
ATOM   480 C C2    . DC  B 1 10 ? -5.623  2.946   8.580   1.000 37.160  ? 10  DC  BBB C2    1 ? 
ATOM   481 O O2    . DC  B 1 10 ? -5.948  4.110   8.341   1.000 35.223  ? 10  DC  BBB O2    1 ? 
ATOM   482 N N3    . DC  B 1 10 ? -5.551  2.024   7.602   1.000 32.894  ? 10  DC  BBB N3    1 ? 
ATOM   483 C C4    . DC  B 1 10 ? -5.189  0.779   7.885   1.000 33.953  ? 10  DC  BBB C4    1 ? 
ATOM   484 N N4    . DC  B 1 10 ? -5.172  -0.101  6.888   1.000 34.360  ? 10  DC  BBB N4    1 ? 
ATOM   485 C C5    . DC  B 1 10 ? -4.816  0.383   9.203   1.000 33.368  ? 10  DC  BBB C5    1 ? 
ATOM   486 C C6    . DC  B 1 10 ? -4.825  1.315   10.150  1.000 35.363  ? 10  DC  BBB C6    1 ? 
ATOM   487 P P     . DC  B 1 11 ? -8.609  2.323   14.071  1.000 38.354  ? 11  DC  BBB P     1 ? 
ATOM   488 O OP1   . DC  B 1 11 ? -9.267  2.724   15.352  1.000 39.198  ? 11  DC  BBB OP1   1 ? 
ATOM   489 O OP2   . DC  B 1 11 ? -8.434  0.872   13.785  1.000 38.809  ? 11  DC  BBB OP2   1 ? 
ATOM   490 O "O5'" . DC  B 1 11 ? -9.457  2.902   12.844  1.000 37.949  ? 11  DC  BBB "O5'" 1 ? 
ATOM   491 C "C5'" . DC  B 1 11 ? -10.415 2.119   12.143  1.000 37.117  ? 11  DC  BBB "C5'" 1 ? 
ATOM   492 C "C4'" . DC  B 1 11 ? -10.817 2.810   10.865  1.000 35.288  ? 11  DC  BBB "C4'" 1 ? 
ATOM   493 O "O4'" . DC  B 1 11 ? -9.685  2.987   9.981   1.000 35.044  ? 11  DC  BBB "O4'" 1 ? 
ATOM   494 C "C3'" . DC  B 1 11 ? -11.865 2.109   10.015  1.000 38.132  ? 11  DC  BBB "C3'" 1 ? 
ATOM   495 O "O3'" . DC  B 1 11 ? -13.139 2.288   10.537  1.000 38.154  ? 11  DC  BBB "O3'" 1 ? 
ATOM   496 C "C2'" . DC  B 1 11 ? -11.627 2.771   8.679   1.000 37.926  ? 11  DC  BBB "C2'" 1 ? 
ATOM   497 C "C1'" . DC  B 1 11 ? -10.145 2.775   8.648   1.000 34.998  ? 11  DC  BBB "C1'" 1 ? 
ATOM   498 N N1    . DC  B 1 11 ? -9.488  1.582   8.103   1.000 32.438  ? 11  DC  BBB N1    1 ? 
ATOM   499 C C2    . DC  B 1 11 ? -9.593  1.339   6.739   1.000 33.542  ? 11  DC  BBB C2    1 ? 
ATOM   500 O O2    . DC  B 1 11 ? -10.148 2.170   6.028   1.000 33.010  ? 11  DC  BBB O2    1 ? 
ATOM   501 N N3    . DC  B 1 11 ? -9.037  0.234   6.223   1.000 33.175  ? 11  DC  BBB N3    1 ? 
ATOM   502 C C4    . DC  B 1 11 ? -8.378  -0.605  7.012   1.000 34.893  ? 11  DC  BBB C4    1 ? 
ATOM   503 N N4    . DC  B 1 11 ? -7.869  -1.689  6.462   1.000 36.517  ? 11  DC  BBB N4    1 ? 
ATOM   504 C C5    . DC  B 1 11 ? -8.258  -0.385  8.405   1.000 33.159  ? 11  DC  BBB C5    1 ? 
ATOM   505 C C6    . DC  B 1 11 ? -8.826  0.703   8.908   1.000 34.612  ? 11  DC  BBB C6    1 ? 
ATOM   506 P P     . DC  B 1 12 ? -14.280 1.147   10.359  1.000 39.151  ? 12  DC  BBB P     1 ? 
ATOM   507 O OP1   . DC  B 1 12 ? -15.460 1.593   11.085  1.000 41.041  ? 12  DC  BBB OP1   1 ? 
ATOM   508 O OP2   . DC  B 1 12 ? -13.712 -0.173  10.585  1.000 38.063  ? 12  DC  BBB OP2   1 ? 
ATOM   509 O "O5'" . DC  B 1 12 ? -14.592 1.236   8.805   1.000 38.810  ? 12  DC  BBB "O5'" 1 ? 
ATOM   510 C "C5'" . DC  B 1 12 ? -15.237 2.363   8.237   1.000 39.610  ? 12  DC  BBB "C5'" 1 ? 
ATOM   511 C "C4'" . DC  B 1 12 ? -15.314 2.275   6.737   1.000 36.515  ? 12  DC  BBB "C4'" 1 ? 
ATOM   512 O "O4'" . DC  B 1 12 ? -14.003 2.091   6.180   1.000 37.849  ? 12  DC  BBB "O4'" 1 ? 
ATOM   513 C "C3'" . DC  B 1 12 ? -16.103 1.097   6.206   1.000 36.569  ? 12  DC  BBB "C3'" 1 ? 
ATOM   514 O "O3'" . DC  B 1 12 ? -17.494 1.293   6.290   1.000 39.712  ? 12  DC  BBB "O3'" 1 ? 
ATOM   515 C "C2'" . DC  B 1 12 ? -15.571 0.981   4.813   1.000 38.430  ? 12  DC  BBB "C2'" 1 ? 
ATOM   516 C "C1'" . DC  B 1 12 ? -14.110 1.239   5.040   1.000 37.119  ? 12  DC  BBB "C1'" 1 ? 
ATOM   517 N N1    . DC  B 1 12 ? -13.308 0.032   5.280   1.000 37.451  ? 12  DC  BBB N1    1 ? 
ATOM   518 C C2    . DC  B 1 12 ? -13.017 -0.808  4.198   1.000 37.793  ? 12  DC  BBB C2    1 ? 
ATOM   519 O O2    . DC  B 1 12 ? -13.511 -0.556  3.104   1.000 35.401  ? 12  DC  BBB O2    1 ? 
ATOM   520 N N3    . DC  B 1 12 ? -12.321 -1.944  4.420   1.000 34.495  ? 12  DC  BBB N3    1 ? 
ATOM   521 C C4    . DC  B 1 12 ? -11.800 -2.178  5.629   1.000 35.692  ? 12  DC  BBB C4    1 ? 
ATOM   522 N N4    . DC  B 1 12 ? -11.067 -3.264  5.789   1.000 38.059  ? 12  DC  BBB N4    1 ? 
ATOM   523 C C5    . DC  B 1 12 ? -12.045 -1.326  6.727   1.000 34.511  ? 12  DC  BBB C5    1 ? 
ATOM   524 C C6    . DC  B 1 12 ? -12.815 -0.251  6.520   1.000 36.325  ? 12  DC  BBB C6    1 ? 
ATOM   525 P P     . DG  B 1 13 ? -18.504 0.046   6.226   1.000 40.734  ? 13  DG  BBB P     1 ? 
ATOM   526 O OP1   . DG  B 1 13 ? -19.836 0.534   6.416   1.000 41.234  ? 13  DG  BBB OP1   1 ? 
ATOM   527 O OP2   . DG  B 1 13 ? -17.962 -1.011  7.079   1.000 39.513  ? 13  DG  BBB OP2   1 ? 
ATOM   528 O "O5'" . DG  B 1 13 ? -18.305 -0.502  4.747   1.000 39.876  ? 13  DG  BBB "O5'" 1 ? 
ATOM   529 C "C5'" . DG  B 1 13 ? -18.815 0.215   3.647   1.000 39.216  ? 13  DG  BBB "C5'" 1 ? 
ATOM   530 C "C4'" . DG  B 1 13 ? -18.551 -0.533  2.365   1.000 37.726  ? 13  DG  BBB "C4'" 1 ? 
ATOM   531 O "O4'" . DG  B 1 13 ? -17.155 -0.817  2.189   1.000 36.523  ? 13  DG  BBB "O4'" 1 ? 
ATOM   532 C "C3'" . DG  B 1 13 ? -19.207 -1.885  2.229   1.000 37.393  ? 13  DG  BBB "C3'" 1 ? 
ATOM   533 O "O3'" . DG  B 1 13 ? -20.571 -1.760  1.956   1.000 38.054  ? 13  DG  BBB "O3'" 1 ? 
ATOM   534 C "C2'" . DG  B 1 13 ? -18.382 -2.510  1.127   1.000 38.586  ? 13  DG  BBB "C2'" 1 ? 
ATOM   535 C "C1'" . DG  B 1 13 ? -17.006 -2.061  1.476   1.000 38.275  ? 13  DG  BBB "C1'" 1 ? 
ATOM   536 N N9    . DG  B 1 13 ? -16.266 -2.983  2.332   1.000 36.237  ? 13  DG  BBB N9    1 ? 
ATOM   537 C C8    . DG  B 1 13 ? -16.088 -2.860  3.693   1.000 35.322  ? 13  DG  BBB C8    1 ? 
ATOM   538 N N7    . DG  B 1 13 ? -15.379 -3.823  4.210   1.000 34.099  ? 13  DG  BBB N7    1 ? 
ATOM   539 C C5    . DG  B 1 13 ? -15.127 -4.676  3.138   1.000 34.894  ? 13  DG  BBB C5    1 ? 
ATOM   540 C C6    . DG  B 1 13 ? -14.402 -5.882  3.079   1.000 35.494  ? 13  DG  BBB C6    1 ? 
ATOM   541 O O6    . DG  B 1 13 ? -13.860 -6.510  3.998   1.000 36.377  ? 13  DG  BBB O6    1 ? 
ATOM   542 N N1    . DG  B 1 13 ? -14.404 -6.411  1.794   1.000 36.804  ? 13  DG  BBB N1    1 ? 
ATOM   543 C C2    . DG  B 1 13 ? -14.955 -5.817  0.686   1.000 34.644  ? 13  DG  BBB C2    1 ? 
ATOM   544 N N2    . DG  B 1 13 ? -14.822 -6.480  -0.446  1.000 35.804  ? 13  DG  BBB N2    1 ? 
ATOM   545 N N3    . DG  B 1 13 ? -15.646 -4.697  0.721   1.000 35.566  ? 13  DG  BBB N3    1 ? 
ATOM   546 C C4    . DG  B 1 13 ? -15.660 -4.160  1.964   1.000 36.460  ? 13  DG  BBB C4    1 ? 
ATOM   547 P P     . DG  B 1 14 ? -21.574 -2.877  2.412   1.000 40.335  ? 14  DG  BBB P     1 ? 
ATOM   548 O OP1   . DG  B 1 14 ? -22.889 -2.539  1.894   1.000 39.799  ? 14  DG  BBB OP1   1 ? 
ATOM   549 O OP2   . DG  B 1 14 ? -21.380 -3.250  3.846   1.000 40.357  ? 14  DG  BBB OP2   1 ? 
ATOM   550 O "O5'" . DG  B 1 14 ? -21.059 -4.160  1.610   1.000 40.577  ? 14  DG  BBB "O5'" 1 ? 
ATOM   551 C "C5'" . DG  B 1 14 ? -21.248 -4.251  0.229   1.000 40.771  ? 14  DG  BBB "C5'" 1 ? 
ATOM   552 C "C4'" . DG  B 1 14 ? -20.645 -5.502  -0.352  1.000 39.177  ? 14  DG  BBB "C4'" 1 ? 
ATOM   553 O "O4'" . DG  B 1 14 ? -19.249 -5.563  -0.032  1.000 38.737  ? 14  DG  BBB "O4'" 1 ? 
ATOM   554 C "C3'" . DG  B 1 14 ? -21.172 -6.817  0.158   1.000 40.315  ? 14  DG  BBB "C3'" 1 ? 
ATOM   555 O "O3'" . DG  B 1 14 ? -22.520 -7.042  -0.171  1.000 40.596  ? 14  DG  BBB "O3'" 1 ? 
ATOM   556 C "C2'" . DG  B 1 14 ? -20.085 -7.757  -0.317  1.000 41.362  ? 14  DG  BBB "C2'" 1 ? 
ATOM   557 C "C1'" . DG  B 1 14 ? -18.835 -6.927  -0.060  1.000 41.515  ? 14  DG  BBB "C1'" 1 ? 
ATOM   558 N N9    . DG  B 1 14 ? -18.215 -7.229  1.222   1.000 37.886  ? 14  DG  BBB N9    1 ? 
ATOM   559 C C8    . DG  B 1 14 ? -18.441 -6.603  2.434   1.000 37.421  ? 14  DG  BBB C8    1 ? 
ATOM   560 N N7    . DG  B 1 14 ? -17.773 -7.135  3.416   1.000 37.022  ? 14  DG  BBB N7    1 ? 
ATOM   561 C C5    . DG  B 1 14 ? -17.100 -8.204  2.831   1.000 38.235  ? 14  DG  BBB C5    1 ? 
ATOM   562 C C6    . DG  B 1 14 ? -16.265 -9.191  3.399   1.000 38.493  ? 14  DG  BBB C6    1 ? 
ATOM   563 O O6    . DG  B 1 14 ? -15.877 -9.305  4.579   1.000 38.816  ? 14  DG  BBB O6    1 ? 
ATOM   564 N N1    . DG  B 1 14 ? -15.827 -10.100 2.441   1.000 39.129  ? 14  DG  BBB N1    1 ? 
ATOM   565 C C2    . DG  B 1 14 ? -16.134 -10.067 1.112   1.000 38.984  ? 14  DG  BBB C2    1 ? 
ATOM   566 N N2    . DG  B 1 14 ? -15.617 -11.047 0.376   1.000 39.055  ? 14  DG  BBB N2    1 ? 
ATOM   567 N N3    . DG  B 1 14 ? -16.948 -9.189  0.570   1.000 36.380  ? 14  DG  BBB N3    1 ? 
ATOM   568 C C4    . DG  B 1 14 ? -17.385 -8.281  1.478   1.000 36.534  ? 14  DG  BBB C4    1 ? 
HETATM 569 C C16   . O89 C 2 .  ? -17.733 -4.566  -3.021  0.750 167.495 ? 101 O89 AAA C16   1 ? 
HETATM 570 C C15   . O89 C 2 .  ? -16.926 -3.307  -2.904  0.750 171.510 ? 101 O89 AAA C15   1 ? 
HETATM 571 C C14   . O89 C 2 .  ? -15.658 -3.181  -3.476  0.750 169.039 ? 101 O89 AAA C14   1 ? 
HETATM 572 C C13   . O89 C 2 .  ? -14.938 -1.996  -3.351  0.750 167.248 ? 101 O89 AAA C13   1 ? 
HETATM 573 C C17   . O89 C 2 .  ? -17.476 -2.243  -2.210  0.750 172.727 ? 101 O89 AAA C17   1 ? 
HETATM 574 C C18   . O89 C 2 .  ? -16.750 -1.069  -2.090  0.750 174.856 ? 101 O89 AAA C18   1 ? 
HETATM 575 C C12   . O89 C 2 .  ? -15.475 -0.919  -2.651  0.750 171.207 ? 101 O89 AAA C12   1 ? 
HETATM 576 N N3    . O89 C 2 .  ? -14.976 0.323   -2.392  0.750 172.935 ? 101 O89 AAA N3    1 ? 
HETATM 577 C C11   . O89 C 2 .  ? -13.657 0.827   -2.848  0.750 167.192 ? 101 O89 AAA C11   1 ? 
HETATM 578 S S1    . O89 C 2 .  ? -17.326 0.268   -1.265  0.750 182.192 ? 101 O89 AAA S1    1 ? 
HETATM 579 C C10   . O89 C 2 .  ? -15.850 1.059   -1.680  0.750 183.814 ? 101 O89 AAA C10   1 ? 
HETATM 580 N N2    . O89 C 2 .  ? -15.560 2.329   -1.281  0.750 193.328 ? 101 O89 AAA N2    1 ? 
HETATM 581 C C9    . O89 C 2 .  ? -14.880 2.444   -0.224  0.750 193.596 ? 101 O89 AAA C9    1 ? 
HETATM 582 C C8    . O89 C 2 .  ? -14.494 3.767   0.306   0.750 191.975 ? 101 O89 AAA C8    1 ? 
HETATM 583 C C5    . O89 C 2 .  ? -13.728 3.810   1.468   0.750 190.974 ? 101 O89 AAA C5    1 ? 
HETATM 584 C C4    . O89 C 2 .  ? -13.340 5.038   1.997   0.750 193.057 ? 101 O89 AAA C4    1 ? 
HETATM 585 C C7    . O89 C 2 .  ? -14.874 4.945   -0.336  0.750 184.811 ? 101 O89 AAA C7    1 ? 
HETATM 586 C C6    . O89 C 2 .  ? -14.489 6.171   0.191   0.750 184.132 ? 101 O89 AAA C6    1 ? 
HETATM 587 C C3    . O89 C 2 .  ? -13.720 6.222   1.357   0.750 191.234 ? 101 O89 AAA C3    1 ? 
HETATM 588 N N1    . O89 C 2 .  ? -13.338 7.466   1.881   0.750 188.056 ? 101 O89 AAA N1    1 ? 
HETATM 589 C C2    . O89 C 2 .  ? -13.353 7.679   3.324   0.750 183.992 ? 101 O89 AAA C2    1 ? 
HETATM 590 C C1    . O89 C 2 .  ? -12.935 8.539   0.979   0.750 181.059 ? 101 O89 AAA C1    1 ? 
# 
